data_3AEE
#
_entry.id   3AEE
#
_cell.length_a   70.751
_cell.length_b   83.841
_cell.length_c   293.735
_cell.angle_alpha   90.000
_cell.angle_beta   90.000
_cell.angle_gamma   90.000
#
_symmetry.space_group_name_H-M   'P 21 21 21'
#
loop_
_entity.id
_entity.type
_entity.pdbx_description
1 polymer 'Succinate dehydrogenase [ubiquinone] flavoprotein subunit, mitochondrial'
2 polymer 'Succinate dehydrogenase [ubiquinone] iron-sulfur subunit, mitochondrial'
3 polymer 'Succinate dehydrogenase cytochrome b560 subunit, mitochondrial'
4 polymer 'Succinate dehydrogenase [ubiquinone] cytochrome b small subunit, mitochondrial'
5 non-polymer 'FLAVIN-ADENINE DINUCLEOTIDE'
6 non-polymer 'FE2/S2 (INORGANIC) CLUSTER'
7 non-polymer 'FE3-S4 CLUSTER'
8 non-polymer 'IRON/SULFUR CLUSTER'
9 non-polymer 'PROTOPORPHYRIN IX CONTAINING FE'
10 non-polymer 3-[(2S,4S,5R)-5,6-DICHLORO-2,4-DIMETHYL-1-OXOHEXYL]-4-HYDROXY-5,6-DIMETHOXY-2(1H)-PYRIDINONE
#
loop_
_entity_poly.entity_id
_entity_poly.type
_entity_poly.pdbx_seq_one_letter_code
_entity_poly.pdbx_strand_id
1 'polypeptide(L)'
;SSAKVSDAISTQYPVVDHEFDAVVVGAGGAGLRAAFGLSEAGFNTACVTKLFPTRSHTVAAQGGINAALGNMEEDNWRWH
FYDTVKGSDWLGDQDAIHYMTEQAPASVVELENYGMPFSRTEDGKIYQRAFGGQSLKFGKGGQAHRCCCVADRTGHSLLH
TLYGRSLRYDTSYFVEYFALDLLMENGECRGVIALCIEDGSIHRIRARNTVVATGGYGRTYFSCTSAHTSTGDGTAMVTR
AGLPCQDLEFVQFHPTGIYGAGCLITEGCRGEGGILINSQGERFMERYAPVAKDLASRDVVSRSMTLEIREGRGCGPEKD
HVYLQLHHLPPEQLAVRLPGISETAMIFAGVDVTKEPIPVLPTVHYNMGGIPTNYKGQVLRHVNGQDQVVPGLYACGEAA
CASVHGANRLGANSLLDLVVFGRACALSIAESCRPGDKVPSIKPNAGEESVMNLDKLRFANGTIRTSELRLSMQKSMQSH
AAVFRVGSVLQEGCEKILRLYGDLQHLKTFDRGMVWNTDLVETLELQNLMLCALQTIYGAEARKESRGAHAREDFKERVD
EYDYSKPIQGQQKKPFQEHWRKHTLSYVDVKTGKVSLEYRPVIDKTLNEADCATVPPAIRSY
;
A
2 'polypeptide(L)'
;AQTAAATAPRIKKFAIYRWDPDKTGDKPHMQTYEIDLNNCGPMVLDALIKIKNEIDSTLTFRRSCREGICGSCAMNINGG
NTLACTRRIDTNLDKVSKIYPLPHMYVIKDLVPDLSNFYAQYKSIEPYLKKKDESQEGKQQYLQSIEEREKLDGLYECIL
CACCSTSCPSYWWNGDKYLGPAVLMQAYRWMIDSRDDFTEERLAKLQDPFSLYRCHTIMNCTGTCPKGLNPGKAIAEIKK
MMATYKEKKASA
;
B
3 'polypeptide(L)'
;LGTTAKEEMERFWNKNLGSNRPLSPHITIYRWSLPMAMSICHRGTGIALSAGVSLFGLSALLLPGNFESHLELVKSLCLG
PTLIYTAKFGIVFPLMYHTWNGIRHLIWDLGKGLTIPQLTQSGVVVLILTVLSSVGLAAM
;
C
4 'polypeptide(L)'
;ASSKAASLHWTGERVVSVLLLGLLPAAYLNPCSAMDYSLAAALTLHGHWGIGQVVTDYVRGDALQKAAKAGLLALSAFTF
AGLCYFNYHDVGICKAVAMLWKL
;
D
#
loop_
_chem_comp.id
_chem_comp.type
_chem_comp.name
_chem_comp.formula
AT5 non-polymer 3-[(2S,4S,5R)-5,6-DICHLORO-2,4-DIMETHYL-1-OXOHEXYL]-4-HYDROXY-5,6-DIMETHOXY-2(1H)-PYRIDINONE 'C15 H21 Cl2 N O5'
F3S non-polymer 'FE3-S4 CLUSTER' 'Fe3 S4'
FAD non-polymer 'FLAVIN-ADENINE DINUCLEOTIDE' 'C27 H33 N9 O15 P2'
FES non-polymer 'FE2/S2 (INORGANIC) CLUSTER' 'Fe2 S2'
HEM non-polymer 'PROTOPORPHYRIN IX CONTAINING FE' 'C34 H32 Fe N4 O4'
SF4 non-polymer 'IRON/SULFUR CLUSTER' 'Fe4 S4'
#
# COMPACT_ATOMS: atom_id res chain seq x y z
N SER A 10 -8.67 25.83 24.16
CA SER A 10 -9.28 27.04 23.52
C SER A 10 -8.23 28.08 23.19
N THR A 11 -7.49 28.54 24.22
CA THR A 11 -6.31 29.37 24.00
C THR A 11 -5.20 28.45 23.49
N GLN A 12 -5.29 27.17 23.86
CA GLN A 12 -4.30 26.16 23.52
C GLN A 12 -4.42 25.67 22.06
N TYR A 13 -5.65 25.40 21.61
CA TYR A 13 -5.87 24.78 20.30
C TYR A 13 -6.49 25.70 19.26
N PRO A 14 -5.92 25.70 18.03
CA PRO A 14 -6.51 26.43 16.91
C PRO A 14 -7.70 25.67 16.31
N VAL A 15 -8.85 26.34 16.23
CA VAL A 15 -10.03 25.80 15.56
C VAL A 15 -10.12 26.31 14.13
N VAL A 16 -10.12 25.39 13.16
CA VAL A 16 -10.19 25.76 11.76
C VAL A 16 -11.38 25.06 11.10
N ASP A 17 -12.43 25.83 10.80
CA ASP A 17 -13.67 25.27 10.25
C ASP A 17 -13.63 25.09 8.73
N HIS A 18 -14.41 24.11 8.25
CA HIS A 18 -14.50 23.81 6.82
C HIS A 18 -15.95 23.59 6.41
N GLU A 19 -16.29 23.99 5.18
CA GLU A 19 -17.67 23.89 4.68
C GLU A 19 -17.74 23.07 3.40
N PHE A 20 -18.49 21.98 3.45
CA PHE A 20 -18.66 21.08 2.31
C PHE A 20 -20.10 20.62 2.12
N ASP A 21 -20.33 19.84 1.07
CA ASP A 21 -21.62 19.21 0.86
C ASP A 21 -21.71 17.90 1.60
N ALA A 22 -20.56 17.21 1.68
CA ALA A 22 -20.48 15.87 2.27
C ALA A 22 -19.09 15.58 2.81
N VAL A 23 -19.05 14.90 3.95
CA VAL A 23 -17.81 14.40 4.50
C VAL A 23 -17.86 12.88 4.46
N VAL A 24 -16.81 12.27 3.95
CA VAL A 24 -16.67 10.82 4.05
C VAL A 24 -15.52 10.54 5.02
N VAL A 25 -15.81 9.81 6.09
CA VAL A 25 -14.76 9.42 7.03
C VAL A 25 -14.26 8.03 6.68
N GLY A 26 -13.11 7.99 5.99
CA GLY A 26 -12.47 6.74 5.61
C GLY A 26 -12.15 6.67 4.14
N ALA A 27 -10.90 6.33 3.83
CA ALA A 27 -10.48 6.20 2.44
C ALA A 27 -10.08 4.77 2.10
N GLY A 28 -10.69 3.82 2.81
CA GLY A 28 -10.62 2.41 2.44
C GLY A 28 -11.42 2.16 1.18
N GLY A 29 -11.84 0.91 0.99
CA GLY A 29 -12.62 0.54 -0.18
C GLY A 29 -13.91 1.33 -0.24
N ALA A 30 -14.74 1.16 0.78
CA ALA A 30 -16.04 1.82 0.83
C ALA A 30 -15.92 3.34 0.79
N GLY A 31 -15.15 3.90 1.73
CA GLY A 31 -14.96 5.35 1.82
C GLY A 31 -14.74 6.03 0.49
N LEU A 32 -13.62 5.67 -0.15
CA LEU A 32 -13.33 6.03 -1.54
C LEU A 32 -14.52 5.96 -2.50
N ARG A 33 -15.14 4.78 -2.66
CA ARG A 33 -16.25 4.63 -3.59
C ARG A 33 -17.36 5.66 -3.35
N ALA A 34 -17.65 5.88 -2.06
CA ALA A 34 -18.61 6.88 -1.63
C ALA A 34 -18.08 8.30 -1.89
N ALA A 35 -16.78 8.48 -1.68
CA ALA A 35 -16.14 9.78 -1.80
C ALA A 35 -16.24 10.33 -3.23
N PHE A 36 -15.63 9.63 -4.18
CA PHE A 36 -15.62 10.10 -5.56
C PHE A 36 -17.02 9.98 -6.16
N GLY A 37 -17.74 8.93 -5.79
CA GLY A 37 -19.16 8.78 -6.15
C GLY A 37 -19.97 10.02 -5.86
N LEU A 38 -19.72 10.61 -4.69
CA LEU A 38 -20.36 11.85 -4.28
C LEU A 38 -19.94 13.04 -5.14
N SER A 39 -18.61 13.22 -5.26
CA SER A 39 -18.03 14.26 -6.10
C SER A 39 -18.53 14.16 -7.54
N GLU A 40 -18.67 12.94 -8.03
CA GLU A 40 -19.12 12.66 -9.39
C GLU A 40 -20.50 13.23 -9.67
N ALA A 41 -21.40 13.13 -8.69
CA ALA A 41 -22.77 13.66 -8.83
C ALA A 41 -22.81 15.18 -8.69
N GLY A 42 -21.62 15.78 -8.65
CA GLY A 42 -21.47 17.24 -8.56
C GLY A 42 -21.49 17.74 -7.12
N PHE A 43 -21.01 16.92 -6.20
CA PHE A 43 -20.97 17.30 -4.79
C PHE A 43 -19.56 17.67 -4.34
N ASN A 44 -19.45 18.77 -3.62
CA ASN A 44 -18.18 19.19 -3.03
C ASN A 44 -17.90 18.36 -1.78
N THR A 45 -17.02 17.36 -1.93
CA THR A 45 -16.90 16.30 -0.95
C THR A 45 -15.53 16.19 -0.27
N ALA A 46 -15.50 16.49 1.03
CA ALA A 46 -14.31 16.25 1.84
C ALA A 46 -14.22 14.76 2.21
N CYS A 47 -13.02 14.20 2.17
CA CYS A 47 -12.80 12.81 2.61
C CYS A 47 -11.70 12.74 3.66
N VAL A 48 -12.11 12.52 4.92
CA VAL A 48 -11.20 12.52 6.05
C VAL A 48 -10.70 11.11 6.32
N THR A 49 -9.38 10.95 6.44
CA THR A 49 -8.79 9.61 6.65
C THR A 49 -7.48 9.66 7.41
N LYS A 50 -7.35 8.78 8.41
CA LYS A 50 -6.18 8.79 9.29
C LYS A 50 -4.93 8.17 8.64
N LEU A 51 -5.14 7.33 7.62
CA LEU A 51 -4.06 6.79 6.81
C LEU A 51 -4.17 7.37 5.41
N PHE A 52 -3.06 7.40 4.68
CA PHE A 52 -3.12 7.63 3.25
C PHE A 52 -3.96 6.51 2.64
N PRO A 53 -4.96 6.87 1.80
CA PRO A 53 -5.93 5.92 1.26
C PRO A 53 -5.38 4.53 1.03
N THR A 54 -4.33 4.43 0.21
CA THR A 54 -3.76 3.15 -0.22
C THR A 54 -3.34 2.20 0.91
N ARG A 55 -3.06 2.76 2.09
CA ARG A 55 -2.68 1.99 3.27
C ARG A 55 -3.89 1.31 3.95
N SER A 56 -5.09 1.80 3.67
CA SER A 56 -6.33 1.29 4.28
C SER A 56 -6.39 -0.22 4.22
N HIS A 57 -6.95 -0.88 5.20
CA HIS A 57 -6.76 -2.31 5.32
C HIS A 57 -7.10 -3.03 4.06
N THR A 58 -8.12 -2.58 3.37
CA THR A 58 -8.61 -3.27 2.18
C THR A 58 -7.50 -3.81 1.26
N VAL A 59 -6.32 -3.20 1.31
CA VAL A 59 -5.17 -3.67 0.53
C VAL A 59 -4.94 -5.13 0.87
N ALA A 60 -4.96 -5.42 2.17
CA ALA A 60 -4.66 -6.74 2.70
C ALA A 60 -5.51 -7.83 2.07
N ALA A 61 -6.65 -7.44 1.52
CA ALA A 61 -7.60 -8.40 0.96
C ALA A 61 -6.99 -9.22 -0.17
N GLN A 62 -7.28 -10.52 -0.14
CA GLN A 62 -6.67 -11.48 -1.05
C GLN A 62 -7.68 -12.21 -1.92
N GLY A 63 -8.58 -12.96 -1.28
CA GLY A 63 -9.55 -13.83 -1.94
C GLY A 63 -10.18 -13.27 -3.21
N GLY A 64 -11.11 -12.34 -3.05
CA GLY A 64 -11.74 -11.67 -4.18
C GLY A 64 -13.07 -11.00 -3.87
N ILE A 65 -13.81 -10.67 -4.92
CA ILE A 65 -15.08 -9.94 -4.81
C ILE A 65 -16.18 -10.68 -5.60
N ASN A 66 -17.32 -10.93 -4.95
CA ASN A 66 -18.38 -11.75 -5.55
C ASN A 66 -19.36 -11.03 -6.46
N ALA A 67 -19.59 -11.62 -7.63
CA ALA A 67 -20.57 -11.09 -8.58
C ALA A 67 -21.02 -12.22 -9.47
N ALA A 68 -22.33 -12.41 -9.57
CA ALA A 68 -22.89 -13.46 -10.41
C ALA A 68 -22.86 -13.12 -11.90
N LEU A 69 -21.67 -12.77 -12.40
CA LEU A 69 -21.49 -12.44 -13.81
C LEU A 69 -21.59 -13.67 -14.67
N GLY A 70 -21.51 -14.83 -14.03
CA GLY A 70 -21.55 -16.11 -14.72
C GLY A 70 -20.47 -16.14 -15.78
N ASN A 71 -19.22 -16.14 -15.33
CA ASN A 71 -18.10 -16.17 -16.24
C ASN A 71 -17.49 -17.56 -16.40
N MET A 72 -17.67 -18.40 -15.39
CA MET A 72 -17.19 -19.79 -15.42
C MET A 72 -18.31 -20.71 -15.90
N GLU A 73 -19.27 -20.99 -15.02
CA GLU A 73 -20.55 -21.60 -15.39
C GLU A 73 -21.55 -20.45 -15.58
N GLU A 74 -22.82 -20.76 -15.78
CA GLU A 74 -23.84 -19.70 -15.85
C GLU A 74 -24.58 -19.56 -14.53
N ASP A 75 -24.65 -18.32 -14.05
CA ASP A 75 -25.07 -17.99 -12.70
C ASP A 75 -26.34 -17.15 -12.74
N ASN A 76 -26.89 -16.88 -11.55
CA ASN A 76 -28.02 -15.99 -11.37
C ASN A 76 -27.83 -15.33 -10.03
N TRP A 77 -27.85 -14.00 -10.03
CA TRP A 77 -27.57 -13.25 -8.80
C TRP A 77 -28.46 -13.65 -7.63
N ARG A 78 -29.63 -14.20 -7.95
CA ARG A 78 -30.56 -14.68 -6.93
C ARG A 78 -30.01 -15.91 -6.18
N TRP A 79 -29.13 -16.69 -6.82
CA TRP A 79 -28.49 -17.82 -6.14
C TRP A 79 -27.45 -17.29 -5.17
N HIS A 80 -26.77 -16.22 -5.58
CA HIS A 80 -25.87 -15.47 -4.73
C HIS A 80 -26.66 -14.83 -3.59
N PHE A 81 -27.90 -14.40 -3.88
CA PHE A 81 -28.80 -13.91 -2.83
C PHE A 81 -29.05 -14.99 -1.80
N TYR A 82 -29.47 -16.16 -2.26
CA TYR A 82 -29.74 -17.29 -1.40
C TYR A 82 -28.55 -17.61 -0.51
N ASP A 83 -27.38 -17.73 -1.13
CA ASP A 83 -26.20 -18.19 -0.42
C ASP A 83 -25.80 -17.26 0.71
N THR A 84 -25.90 -15.96 0.46
CA THR A 84 -25.60 -14.94 1.48
C THR A 84 -26.55 -15.04 2.66
N VAL A 85 -27.85 -15.07 2.38
CA VAL A 85 -28.88 -15.13 3.41
C VAL A 85 -28.80 -16.45 4.19
N LYS A 86 -28.53 -17.54 3.49
CA LYS A 86 -28.40 -18.85 4.15
C LYS A 86 -27.19 -18.83 5.09
N GLY A 87 -26.09 -18.30 4.59
CA GLY A 87 -24.87 -18.18 5.39
C GLY A 87 -25.00 -17.16 6.51
N SER A 88 -25.94 -16.22 6.35
CA SER A 88 -26.16 -15.18 7.34
C SER A 88 -26.84 -15.74 8.58
N ASP A 89 -27.36 -16.97 8.45
CA ASP A 89 -28.05 -17.66 9.54
C ASP A 89 -29.35 -16.96 9.95
N TRP A 90 -29.98 -16.34 8.95
CA TRP A 90 -31.27 -15.66 9.09
C TRP A 90 -31.31 -14.50 10.08
N LEU A 91 -30.15 -13.93 10.35
CA LEU A 91 -30.05 -12.64 10.97
C LEU A 91 -29.79 -11.60 9.87
N GLY A 92 -29.42 -12.07 8.69
CA GLY A 92 -29.20 -11.21 7.54
C GLY A 92 -30.48 -10.55 7.08
N ASP A 93 -30.44 -9.23 6.88
CA ASP A 93 -31.61 -8.48 6.43
C ASP A 93 -31.75 -8.63 4.93
N GLN A 94 -32.80 -9.33 4.53
CA GLN A 94 -32.98 -9.76 3.14
C GLN A 94 -33.09 -8.58 2.16
N ASP A 95 -33.71 -7.48 2.60
CA ASP A 95 -33.84 -6.26 1.80
C ASP A 95 -32.49 -5.76 1.30
N ALA A 96 -31.51 -5.78 2.19
CA ALA A 96 -30.16 -5.31 1.89
C ALA A 96 -29.41 -6.34 1.06
N ILE A 97 -29.56 -7.61 1.43
CA ILE A 97 -28.89 -8.73 0.75
C ILE A 97 -29.32 -8.81 -0.71
N HIS A 98 -30.63 -8.69 -0.93
CA HIS A 98 -31.19 -8.59 -2.27
C HIS A 98 -30.51 -7.46 -3.02
N TYR A 99 -30.60 -6.24 -2.50
CA TYR A 99 -30.00 -5.07 -3.13
C TYR A 99 -28.55 -5.30 -3.52
N MET A 100 -27.81 -6.05 -2.70
CA MET A 100 -26.38 -6.22 -2.92
C MET A 100 -26.10 -7.21 -4.04
N THR A 101 -26.61 -8.43 -3.89
CA THR A 101 -26.42 -9.47 -4.90
C THR A 101 -26.97 -9.04 -6.26
N GLU A 102 -28.15 -8.42 -6.25
CA GLU A 102 -28.75 -7.80 -7.42
C GLU A 102 -27.79 -6.82 -8.09
N GLN A 103 -27.20 -5.93 -7.30
CA GLN A 103 -26.31 -4.91 -7.82
C GLN A 103 -24.87 -5.42 -8.04
N ALA A 104 -24.61 -6.68 -7.63
CA ALA A 104 -23.25 -7.24 -7.64
C ALA A 104 -22.54 -7.20 -9.00
N PRO A 105 -23.21 -7.68 -10.06
CA PRO A 105 -22.52 -7.75 -11.34
C PRO A 105 -22.35 -6.37 -11.93
N ALA A 106 -23.25 -5.45 -11.58
CA ALA A 106 -23.16 -4.08 -12.03
C ALA A 106 -21.95 -3.40 -11.42
N SER A 107 -21.74 -3.65 -10.13
CA SER A 107 -20.64 -3.02 -9.38
C SER A 107 -19.27 -3.53 -9.81
N VAL A 108 -19.14 -4.84 -9.99
CA VAL A 108 -17.88 -5.46 -10.39
C VAL A 108 -17.49 -5.11 -11.82
N VAL A 109 -18.48 -5.03 -12.71
CA VAL A 109 -18.22 -4.58 -14.07
C VAL A 109 -17.71 -3.13 -14.08
N GLU A 110 -18.28 -2.30 -13.21
CA GLU A 110 -17.88 -0.90 -13.12
C GLU A 110 -16.41 -0.75 -12.71
N LEU A 111 -15.96 -1.63 -11.82
CA LEU A 111 -14.58 -1.61 -11.32
C LEU A 111 -13.58 -2.04 -12.37
N GLU A 112 -13.95 -3.04 -13.17
CA GLU A 112 -13.09 -3.48 -14.26
C GLU A 112 -13.07 -2.42 -15.34
N ASN A 113 -14.14 -1.66 -15.45
CA ASN A 113 -14.18 -0.53 -16.38
C ASN A 113 -13.37 0.65 -15.92
N TYR A 114 -13.23 0.80 -14.61
CA TYR A 114 -12.34 1.80 -14.05
C TYR A 114 -10.88 1.47 -14.37
N GLY A 115 -10.57 0.18 -14.47
CA GLY A 115 -9.22 -0.29 -14.79
C GLY A 115 -8.60 -1.29 -13.82
N MET A 116 -9.41 -1.86 -12.94
CA MET A 116 -8.94 -2.93 -12.06
C MET A 116 -8.51 -4.12 -12.89
N PRO A 117 -7.21 -4.48 -12.82
CA PRO A 117 -6.66 -5.53 -13.68
C PRO A 117 -7.06 -6.93 -13.23
N PHE A 118 -8.34 -7.25 -13.32
CA PHE A 118 -8.81 -8.59 -13.03
C PHE A 118 -8.05 -9.63 -13.86
N SER A 119 -7.76 -10.77 -13.22
CA SER A 119 -7.16 -11.91 -13.91
C SER A 119 -8.18 -12.43 -14.92
N ARG A 120 -7.71 -13.08 -15.98
CA ARG A 120 -8.57 -13.36 -17.12
C ARG A 120 -8.77 -14.83 -17.50
N THR A 121 -9.81 -15.09 -18.29
CA THR A 121 -10.15 -16.43 -18.76
C THR A 121 -9.82 -16.59 -20.24
N GLU A 122 -10.00 -17.81 -20.76
CA GLU A 122 -9.81 -18.08 -22.18
C GLU A 122 -10.61 -17.09 -23.04
N ASP A 123 -11.83 -16.79 -22.59
CA ASP A 123 -12.70 -15.81 -23.24
C ASP A 123 -12.14 -14.40 -23.23
N GLY A 124 -11.31 -14.11 -22.25
CA GLY A 124 -10.80 -12.75 -22.03
C GLY A 124 -11.70 -11.98 -21.09
N LYS A 125 -12.59 -12.72 -20.43
CA LYS A 125 -13.48 -12.19 -19.40
C LYS A 125 -12.82 -12.30 -18.03
N ILE A 126 -13.49 -11.77 -17.00
CA ILE A 126 -12.99 -11.76 -15.63
C ILE A 126 -12.94 -13.18 -15.07
N TYR A 127 -11.87 -13.51 -14.34
CA TYR A 127 -11.71 -14.82 -13.73
C TYR A 127 -12.54 -14.93 -12.47
N GLN A 128 -13.41 -15.94 -12.42
CA GLN A 128 -14.22 -16.20 -11.24
C GLN A 128 -13.75 -17.48 -10.55
N ARG A 129 -13.80 -17.47 -9.23
CA ARG A 129 -13.25 -18.56 -8.44
C ARG A 129 -14.26 -19.22 -7.51
N ALA A 130 -14.07 -20.52 -7.25
CA ALA A 130 -14.84 -21.23 -6.23
C ALA A 130 -14.46 -20.71 -4.86
N PHE A 131 -15.46 -20.59 -3.99
CA PHE A 131 -15.23 -20.03 -2.66
C PHE A 131 -16.17 -20.63 -1.61
N GLY A 132 -15.90 -20.29 -0.35
CA GLY A 132 -16.64 -20.82 0.78
C GLY A 132 -18.10 -20.45 0.83
N GLY A 133 -18.95 -21.47 0.68
CA GLY A 133 -20.39 -21.37 0.93
C GLY A 133 -21.26 -20.96 -0.24
N GLN A 134 -20.71 -21.04 -1.45
CA GLN A 134 -21.44 -20.56 -2.64
C GLN A 134 -21.88 -21.67 -3.58
N SER A 135 -23.16 -21.60 -3.98
CA SER A 135 -23.86 -22.68 -4.66
C SER A 135 -24.56 -22.25 -5.95
N LEU A 136 -25.00 -23.25 -6.70
CA LEU A 136 -25.83 -23.02 -7.88
C LEU A 136 -27.23 -23.56 -7.63
N LYS A 137 -28.20 -23.06 -8.39
CA LYS A 137 -29.60 -23.49 -8.27
C LYS A 137 -30.08 -23.56 -6.82
N PHE A 138 -29.93 -22.44 -6.11
CA PHE A 138 -30.40 -22.27 -4.72
C PHE A 138 -29.96 -23.38 -3.75
N GLY A 139 -28.68 -23.74 -3.81
CA GLY A 139 -28.12 -24.72 -2.87
C GLY A 139 -28.31 -26.17 -3.24
N LYS A 140 -28.44 -26.46 -4.53
CA LYS A 140 -28.66 -27.83 -5.01
C LYS A 140 -27.84 -28.14 -6.26
N GLY A 141 -27.16 -27.13 -6.78
CA GLY A 141 -26.44 -27.26 -8.06
C GLY A 141 -24.93 -27.36 -7.97
N GLY A 142 -24.44 -27.83 -6.82
CA GLY A 142 -23.00 -28.02 -6.62
C GLY A 142 -22.26 -26.71 -6.38
N GLN A 143 -20.94 -26.75 -6.57
CA GLN A 143 -20.09 -25.60 -6.29
C GLN A 143 -20.23 -24.51 -7.34
N ALA A 144 -20.46 -23.28 -6.88
CA ALA A 144 -20.56 -22.10 -7.75
C ALA A 144 -19.24 -21.34 -7.80
N HIS A 145 -18.79 -21.06 -9.02
CA HIS A 145 -17.53 -20.36 -9.25
C HIS A 145 -17.83 -18.92 -9.67
N ARG A 146 -17.85 -18.02 -8.68
CA ARG A 146 -18.26 -16.61 -8.90
C ARG A 146 -17.40 -15.55 -8.18
N CYS A 147 -16.29 -15.97 -7.57
CA CYS A 147 -15.41 -15.00 -6.94
C CYS A 147 -14.51 -14.35 -7.97
N CYS A 148 -14.87 -13.13 -8.37
CA CYS A 148 -14.05 -12.32 -9.28
C CYS A 148 -12.80 -11.88 -8.55
N CYS A 149 -11.64 -12.06 -9.19
CA CYS A 149 -10.37 -11.80 -8.51
C CYS A 149 -9.19 -11.38 -9.37
N VAL A 150 -8.31 -10.60 -8.74
CA VAL A 150 -7.04 -10.17 -9.29
C VAL A 150 -5.96 -11.03 -8.61
N ALA A 151 -5.66 -12.17 -9.23
CA ALA A 151 -4.71 -13.13 -8.67
C ALA A 151 -4.93 -13.26 -7.16
N ASP A 152 -3.85 -13.12 -6.39
CA ASP A 152 -3.93 -13.25 -4.94
C ASP A 152 -4.23 -11.93 -4.26
N ARG A 153 -4.10 -10.83 -5.02
CA ARG A 153 -4.16 -9.49 -4.42
C ARG A 153 -5.32 -8.63 -4.94
N THR A 154 -6.55 -9.06 -4.67
CA THR A 154 -7.73 -8.37 -5.16
C THR A 154 -7.95 -7.06 -4.41
N GLY A 155 -7.91 -7.13 -3.09
CA GLY A 155 -8.12 -5.95 -2.26
C GLY A 155 -7.12 -4.85 -2.55
N HIS A 156 -5.90 -5.25 -2.88
CA HIS A 156 -4.84 -4.33 -3.27
C HIS A 156 -5.24 -3.57 -4.53
N SER A 157 -5.54 -4.33 -5.58
CA SER A 157 -5.91 -3.77 -6.86
C SER A 157 -7.20 -2.98 -6.75
N LEU A 158 -8.14 -3.49 -5.96
CA LEU A 158 -9.42 -2.83 -5.75
C LEU A 158 -9.23 -1.44 -5.16
N LEU A 159 -8.44 -1.37 -4.10
CA LEU A 159 -8.22 -0.11 -3.41
C LEU A 159 -7.47 0.86 -4.30
N HIS A 160 -6.46 0.34 -4.99
CA HIS A 160 -5.57 1.18 -5.78
C HIS A 160 -6.27 1.82 -6.96
N THR A 161 -7.14 1.08 -7.65
CA THR A 161 -7.88 1.65 -8.77
C THR A 161 -8.91 2.67 -8.30
N LEU A 162 -9.64 2.33 -7.24
CA LEU A 162 -10.58 3.29 -6.65
C LEU A 162 -9.87 4.57 -6.25
N TYR A 163 -8.78 4.44 -5.48
CA TYR A 163 -7.99 5.62 -5.19
C TYR A 163 -7.61 6.31 -6.49
N GLY A 164 -6.98 5.56 -7.39
CA GLY A 164 -6.56 6.07 -8.69
C GLY A 164 -7.66 6.83 -9.40
N ARG A 165 -8.86 6.25 -9.42
CA ARG A 165 -9.98 6.82 -10.13
C ARG A 165 -10.48 8.09 -9.46
N SER A 166 -10.27 8.17 -8.15
CA SER A 166 -10.76 9.28 -7.35
C SER A 166 -10.00 10.57 -7.60
N LEU A 167 -8.77 10.45 -8.10
CA LEU A 167 -7.93 11.62 -8.38
C LEU A 167 -8.52 12.47 -9.50
N ARG A 168 -9.34 11.85 -10.33
CA ARG A 168 -9.99 12.46 -11.48
C ARG A 168 -11.00 13.54 -11.07
N TYR A 169 -11.52 13.41 -9.85
CA TYR A 169 -12.52 14.35 -9.34
C TYR A 169 -11.94 15.27 -8.27
N ASP A 170 -12.61 16.40 -8.03
CA ASP A 170 -12.11 17.38 -7.04
C ASP A 170 -12.49 17.07 -5.58
N THR A 171 -12.34 15.81 -5.18
CA THR A 171 -12.53 15.35 -3.81
C THR A 171 -11.48 15.98 -2.90
N SER A 172 -11.92 16.60 -1.81
CA SER A 172 -11.01 17.24 -0.83
C SER A 172 -10.50 16.24 0.21
N TYR A 173 -9.31 15.73 -0.01
CA TYR A 173 -8.72 14.71 0.87
C TYR A 173 -8.04 15.27 2.12
N PHE A 174 -8.61 15.01 3.28
CA PHE A 174 -7.99 15.37 4.56
C PHE A 174 -7.13 14.20 5.07
N VAL A 175 -5.94 14.09 4.49
CA VAL A 175 -5.08 12.92 4.64
C VAL A 175 -4.32 12.98 5.95
N GLU A 176 -4.30 11.83 6.64
CA GLU A 176 -3.72 11.71 7.99
C GLU A 176 -4.30 12.75 8.95
N TYR A 177 -5.63 12.82 8.96
CA TYR A 177 -6.44 13.56 9.93
C TYR A 177 -7.27 12.54 10.69
N PHE A 178 -7.03 12.43 11.99
CA PHE A 178 -7.79 11.53 12.85
C PHE A 178 -9.10 12.18 13.29
N ALA A 179 -10.21 11.62 12.85
CA ALA A 179 -11.52 12.07 13.26
C ALA A 179 -11.68 11.71 14.72
N LEU A 180 -12.20 12.66 15.51
CA LEU A 180 -12.37 12.46 16.94
C LEU A 180 -13.79 12.02 17.28
N ASP A 181 -14.75 12.88 16.96
CA ASP A 181 -16.18 12.61 17.18
C ASP A 181 -17.00 13.03 15.96
N LEU A 182 -18.32 12.90 16.06
CA LEU A 182 -19.22 13.48 15.07
C LEU A 182 -19.73 14.80 15.63
N LEU A 183 -19.96 15.77 14.75
CA LEU A 183 -20.63 17.01 15.12
C LEU A 183 -22.13 16.80 15.04
N MET A 184 -22.78 16.81 16.19
CA MET A 184 -24.15 16.39 16.27
C MET A 184 -24.98 17.48 16.94
N GLU A 185 -26.10 17.84 16.32
CA GLU A 185 -26.98 18.86 16.89
C GLU A 185 -28.45 18.47 16.73
N ASN A 186 -29.13 18.31 17.86
CA ASN A 186 -30.54 17.91 17.90
C ASN A 186 -30.83 16.65 17.09
N GLY A 187 -30.06 15.60 17.36
CA GLY A 187 -30.24 14.32 16.68
C GLY A 187 -29.79 14.27 15.23
N GLU A 188 -29.42 15.42 14.68
CA GLU A 188 -28.93 15.47 13.32
C GLU A 188 -27.42 15.66 13.28
N CYS A 189 -26.79 15.08 12.25
CA CYS A 189 -25.36 15.19 12.08
C CYS A 189 -24.98 16.34 11.17
N ARG A 190 -23.97 17.09 11.61
CA ARG A 190 -23.54 18.30 10.94
C ARG A 190 -22.15 18.16 10.35
N GLY A 191 -21.41 17.14 10.80
CA GLY A 191 -20.06 16.88 10.29
C GLY A 191 -19.18 16.07 11.23
N VAL A 192 -17.89 16.39 11.25
CA VAL A 192 -16.90 15.75 12.13
C VAL A 192 -15.90 16.74 12.72
N ILE A 193 -15.54 16.52 13.98
CA ILE A 193 -14.44 17.26 14.60
C ILE A 193 -13.20 16.38 14.59
N ALA A 194 -12.14 16.87 13.95
CA ALA A 194 -10.98 16.03 13.64
C ALA A 194 -9.65 16.64 14.07
N LEU A 195 -8.77 15.77 14.57
CA LEU A 195 -7.38 16.15 14.80
C LEU A 195 -6.60 15.93 13.53
N CYS A 196 -5.86 16.96 13.12
CA CYS A 196 -4.89 16.86 12.05
C CYS A 196 -3.55 16.39 12.63
N ILE A 197 -3.17 15.15 12.31
CA ILE A 197 -1.95 14.54 12.85
C ILE A 197 -0.69 15.34 12.53
N GLU A 198 -0.62 15.87 11.30
CA GLU A 198 0.54 16.61 10.81
C GLU A 198 1.04 17.72 11.75
N ASP A 199 0.16 18.62 12.19
CA ASP A 199 0.59 19.74 13.03
C ASP A 199 -0.13 19.87 14.39
N GLY A 200 -0.93 18.87 14.74
CA GLY A 200 -1.63 18.84 16.02
C GLY A 200 -2.88 19.72 16.08
N SER A 201 -3.20 20.37 14.96
CA SER A 201 -4.33 21.28 14.87
C SER A 201 -5.69 20.56 14.91
N ILE A 202 -6.75 21.33 15.02
CA ILE A 202 -8.11 20.79 15.18
C ILE A 202 -9.08 21.41 14.17
N HIS A 203 -9.78 20.56 13.45
CA HIS A 203 -10.55 20.96 12.28
C HIS A 203 -11.99 20.49 12.32
N ARG A 204 -12.91 21.44 12.52
CA ARG A 204 -14.34 21.18 12.45
C ARG A 204 -14.76 21.19 10.99
N ILE A 205 -14.80 20.01 10.39
CA ILE A 205 -15.30 19.86 9.02
C ILE A 205 -16.79 19.61 9.12
N ARG A 206 -17.56 20.52 8.55
CA ARG A 206 -19.02 20.45 8.60
C ARG A 206 -19.68 20.39 7.22
N ALA A 207 -20.62 19.46 7.06
CA ALA A 207 -21.36 19.31 5.82
C ALA A 207 -22.80 18.88 6.06
N ARG A 208 -23.60 18.88 4.99
CA ARG A 208 -25.01 18.50 5.04
C ARG A 208 -25.19 17.00 5.29
N ASN A 209 -24.25 16.20 4.80
CA ASN A 209 -24.32 14.74 4.90
C ASN A 209 -22.98 14.15 5.26
N THR A 210 -23.00 13.17 6.16
CA THR A 210 -21.78 12.63 6.74
C THR A 210 -21.78 11.12 6.63
N VAL A 211 -20.88 10.59 5.80
CA VAL A 211 -20.72 9.14 5.66
C VAL A 211 -19.61 8.66 6.57
N VAL A 212 -19.94 7.72 7.45
CA VAL A 212 -18.94 7.05 8.28
C VAL A 212 -18.56 5.76 7.56
N ALA A 213 -17.28 5.59 7.26
CA ALA A 213 -16.79 4.38 6.60
C ALA A 213 -15.45 3.93 7.18
N THR A 214 -15.42 3.70 8.49
CA THR A 214 -14.15 3.50 9.20
C THR A 214 -13.60 2.07 9.21
N GLY A 215 -14.42 1.08 8.84
CA GLY A 215 -13.99 -0.31 8.97
C GLY A 215 -13.93 -0.84 10.40
N GLY A 216 -13.50 -2.10 10.54
CA GLY A 216 -13.68 -2.87 11.78
C GLY A 216 -12.84 -2.53 13.00
N TYR A 217 -12.85 -3.46 13.96
CA TYR A 217 -12.20 -3.29 15.27
C TYR A 217 -11.59 -4.61 15.80
N GLY A 218 -10.87 -5.30 14.91
CA GLY A 218 -10.20 -6.53 15.29
C GLY A 218 -9.19 -6.31 16.39
N ARG A 219 -8.58 -5.13 16.40
CA ARG A 219 -7.55 -4.77 17.40
C ARG A 219 -8.06 -4.71 18.85
N THR A 220 -9.27 -5.19 19.08
CA THR A 220 -9.80 -5.39 20.42
C THR A 220 -9.33 -6.75 20.92
N TYR A 221 -8.91 -7.61 20.00
CA TYR A 221 -8.43 -8.95 20.34
C TYR A 221 -6.91 -9.05 20.28
N PHE A 222 -6.36 -10.05 20.97
CA PHE A 222 -4.91 -10.26 21.01
C PHE A 222 -4.37 -10.85 19.71
N SER A 223 -5.18 -11.67 19.04
CA SER A 223 -4.78 -12.37 17.82
C SER A 223 -5.78 -12.15 16.70
N CYS A 224 -5.45 -11.22 15.80
CA CYS A 224 -6.33 -10.88 14.69
C CYS A 224 -5.57 -10.70 13.38
N THR A 225 -6.27 -10.92 12.27
CA THR A 225 -5.71 -10.74 10.93
C THR A 225 -5.57 -9.27 10.56
N SER A 226 -6.43 -8.44 11.13
CA SER A 226 -6.53 -7.01 10.78
C SER A 226 -5.33 -6.15 11.20
N ALA A 227 -5.17 -5.04 10.48
CA ALA A 227 -4.06 -4.11 10.65
C ALA A 227 -4.07 -3.41 12.01
N HIS A 228 -2.94 -2.84 12.40
CA HIS A 228 -2.83 -2.13 13.66
C HIS A 228 -3.79 -0.93 13.75
N THR A 229 -4.32 -0.51 12.60
CA THR A 229 -5.20 0.65 12.52
C THR A 229 -6.70 0.32 12.41
N SER A 230 -7.05 -0.95 12.64
CA SER A 230 -8.45 -1.34 12.68
C SER A 230 -8.94 -1.22 14.12
N THR A 231 -9.40 -0.03 14.47
CA THR A 231 -9.73 0.28 15.87
C THR A 231 -11.16 0.80 16.06
N GLY A 232 -12.05 0.37 15.16
CA GLY A 232 -13.48 0.74 15.22
C GLY A 232 -13.74 2.15 15.72
N ASP A 233 -12.99 3.10 15.19
CA ASP A 233 -13.06 4.50 15.59
C ASP A 233 -14.39 5.16 15.24
N GLY A 234 -15.02 4.72 14.16
CA GLY A 234 -16.31 5.24 13.77
C GLY A 234 -17.39 4.63 14.64
N THR A 235 -17.19 3.36 14.98
CA THR A 235 -18.10 2.62 15.83
C THR A 235 -18.23 3.31 17.19
N ALA A 236 -17.09 3.74 17.73
CA ALA A 236 -17.02 4.48 18.98
C ALA A 236 -17.69 5.83 18.84
N MET A 237 -17.19 6.64 17.91
CA MET A 237 -17.78 7.94 17.53
C MET A 237 -19.31 7.97 17.55
N VAL A 238 -19.90 6.84 17.12
CA VAL A 238 -21.35 6.68 17.09
C VAL A 238 -21.88 6.48 18.50
N THR A 239 -21.30 5.55 19.26
CA THR A 239 -21.77 5.30 20.64
C THR A 239 -21.40 6.41 21.61
N ARG A 240 -20.60 7.37 21.16
CA ARG A 240 -20.31 8.57 21.93
C ARG A 240 -21.34 9.66 21.66
N ALA A 241 -22.22 9.40 20.69
CA ALA A 241 -23.26 10.35 20.30
C ALA A 241 -24.62 9.82 20.71
N GLY A 242 -24.61 8.68 21.40
CA GLY A 242 -25.83 8.10 21.97
C GLY A 242 -26.58 7.19 21.02
N LEU A 243 -26.04 7.02 19.83
CA LEU A 243 -26.65 6.14 18.84
C LEU A 243 -26.31 4.68 19.13
N PRO A 244 -27.14 3.74 18.66
CA PRO A 244 -26.82 2.34 18.93
C PRO A 244 -25.86 1.73 17.92
N CYS A 245 -25.15 0.70 18.37
CA CYS A 245 -24.43 -0.20 17.48
C CYS A 245 -25.16 -1.54 17.41
N GLN A 246 -25.05 -2.21 16.28
CA GLN A 246 -25.79 -3.44 16.02
C GLN A 246 -24.89 -4.67 16.01
N ASP A 247 -25.38 -5.75 16.62
CA ASP A 247 -24.79 -7.10 16.51
C ASP A 247 -23.28 -7.16 16.74
N LEU A 248 -22.81 -6.49 17.79
CA LEU A 248 -21.37 -6.36 18.02
C LEU A 248 -20.68 -7.61 18.58
N GLU A 249 -21.47 -8.56 19.07
CA GLU A 249 -20.94 -9.84 19.51
C GLU A 249 -20.46 -10.69 18.34
N PHE A 250 -21.11 -10.56 17.20
CA PHE A 250 -20.79 -11.36 16.03
C PHE A 250 -19.46 -10.97 15.40
N VAL A 251 -18.42 -11.74 15.74
CA VAL A 251 -17.05 -11.52 15.33
C VAL A 251 -16.56 -12.75 14.56
N GLN A 252 -16.27 -12.59 13.27
CA GLN A 252 -15.86 -13.73 12.45
C GLN A 252 -14.43 -14.17 12.65
N PHE A 253 -14.27 -15.44 13.02
CA PHE A 253 -12.97 -16.08 13.16
C PHE A 253 -12.56 -16.78 11.87
N HIS A 254 -11.85 -16.06 11.01
CA HIS A 254 -11.29 -16.64 9.79
C HIS A 254 -10.46 -17.86 10.17
N PRO A 255 -10.73 -19.00 9.50
CA PRO A 255 -10.11 -20.29 9.85
C PRO A 255 -8.59 -20.32 9.74
N THR A 256 -8.03 -19.59 8.78
CA THR A 256 -6.60 -19.71 8.44
C THR A 256 -5.75 -18.43 8.63
N GLY A 257 -4.61 -18.60 9.29
CA GLY A 257 -3.70 -17.50 9.58
C GLY A 257 -2.59 -17.94 10.53
N ILE A 258 -1.35 -17.52 10.22
CA ILE A 258 -0.14 -17.97 10.95
C ILE A 258 -0.27 -17.91 12.48
N TYR A 259 0.27 -18.93 13.14
CA TYR A 259 0.24 -19.05 14.60
C TYR A 259 0.77 -17.80 15.31
N GLY A 260 1.90 -17.27 14.84
CA GLY A 260 2.56 -16.13 15.49
C GLY A 260 1.85 -14.80 15.29
N ALA A 261 2.32 -14.05 14.28
CA ALA A 261 1.85 -12.68 14.03
C ALA A 261 0.38 -12.56 13.62
N GLY A 262 -0.22 -13.69 13.21
CA GLY A 262 -1.64 -13.75 12.86
C GLY A 262 -1.96 -13.12 11.51
N CYS A 263 -1.09 -13.31 10.53
CA CYS A 263 -1.31 -12.78 9.19
C CYS A 263 -2.30 -13.65 8.44
N LEU A 264 -3.10 -13.03 7.57
CA LEU A 264 -4.11 -13.76 6.81
C LEU A 264 -3.51 -14.62 5.70
N ILE A 265 -3.88 -15.89 5.72
CA ILE A 265 -3.72 -16.77 4.57
C ILE A 265 -5.13 -17.00 4.06
N THR A 266 -5.41 -16.51 2.86
CA THR A 266 -6.78 -16.39 2.33
C THR A 266 -7.60 -17.68 2.26
N GLU A 267 -8.93 -17.52 2.19
CA GLU A 267 -9.85 -18.64 1.99
C GLU A 267 -9.74 -19.15 0.55
N GLY A 268 -9.18 -18.31 -0.33
CA GLY A 268 -8.88 -18.69 -1.71
C GLY A 268 -7.91 -19.85 -1.81
N CYS A 269 -7.30 -20.21 -0.69
CA CYS A 269 -6.49 -21.43 -0.58
C CYS A 269 -7.38 -22.66 -0.55
N ARG A 270 -8.50 -22.55 0.16
CA ARG A 270 -9.47 -23.64 0.31
C ARG A 270 -10.37 -23.77 -0.92
N GLY A 271 -10.64 -22.66 -1.61
CA GLY A 271 -11.47 -22.67 -2.81
C GLY A 271 -10.76 -23.05 -4.10
N GLU A 272 -9.44 -23.20 -4.03
CA GLU A 272 -8.62 -23.58 -5.18
C GLU A 272 -8.14 -25.03 -5.10
N GLY A 273 -8.68 -25.79 -4.15
CA GLY A 273 -8.37 -27.21 -4.01
C GLY A 273 -7.59 -27.60 -2.77
N GLY A 274 -7.20 -26.60 -1.97
CA GLY A 274 -6.43 -26.82 -0.74
C GLY A 274 -7.19 -27.57 0.33
N ILE A 275 -6.45 -28.19 1.25
CA ILE A 275 -7.04 -29.06 2.28
C ILE A 275 -6.62 -28.58 3.68
N LEU A 276 -7.30 -29.09 4.71
CA LEU A 276 -6.94 -28.86 6.11
C LEU A 276 -6.56 -30.17 6.81
N ILE A 277 -5.35 -30.22 7.36
CA ILE A 277 -4.78 -31.43 7.98
C ILE A 277 -4.53 -31.27 9.49
N ASN A 278 -5.08 -32.18 10.28
CA ASN A 278 -4.84 -32.19 11.74
C ASN A 278 -3.76 -33.21 12.17
N SER A 279 -3.51 -33.31 13.47
CA SER A 279 -2.38 -34.08 14.02
C SER A 279 -2.24 -35.51 13.48
N GLN A 280 -3.35 -36.24 13.41
CA GLN A 280 -3.32 -37.63 12.97
C GLN A 280 -3.19 -37.77 11.45
N GLY A 281 -3.68 -36.77 10.72
CA GLY A 281 -3.52 -36.72 9.26
C GLY A 281 -4.81 -36.71 8.46
N GLU A 282 -5.91 -37.14 9.10
CA GLU A 282 -7.23 -37.19 8.47
C GLU A 282 -7.63 -35.81 7.94
N ARG A 283 -8.23 -35.78 6.75
CA ARG A 283 -8.95 -34.60 6.29
C ARG A 283 -10.20 -34.47 7.16
N PHE A 284 -10.03 -33.81 8.31
CA PHE A 284 -11.07 -33.76 9.35
C PHE A 284 -12.31 -32.98 8.93
N MET A 285 -12.18 -32.21 7.85
CA MET A 285 -13.30 -31.43 7.31
C MET A 285 -14.28 -32.27 6.47
N GLU A 286 -14.36 -33.56 6.77
CA GLU A 286 -15.27 -34.48 6.08
C GLU A 286 -16.05 -35.32 7.09
N ARG A 287 -15.50 -35.42 8.30
CA ARG A 287 -16.16 -36.06 9.43
C ARG A 287 -16.93 -35.01 10.26
N TYR A 288 -16.68 -33.72 9.96
CA TYR A 288 -17.38 -32.59 10.58
C TYR A 288 -18.48 -31.99 9.69
N ALA A 289 -18.20 -31.84 8.39
CA ALA A 289 -19.18 -31.33 7.43
C ALA A 289 -19.09 -32.02 6.05
N PRO A 290 -19.96 -33.01 5.79
CA PRO A 290 -19.89 -33.80 4.55
C PRO A 290 -20.47 -33.12 3.31
N VAL A 291 -21.65 -32.49 3.45
CA VAL A 291 -22.43 -31.96 2.31
C VAL A 291 -21.61 -31.05 1.37
N ALA A 292 -21.00 -30.00 1.92
CA ALA A 292 -20.25 -29.04 1.12
C ALA A 292 -18.73 -29.13 1.31
N LYS A 293 -18.29 -30.11 2.10
CA LYS A 293 -16.87 -30.40 2.37
C LYS A 293 -16.09 -29.23 3.02
N ASP A 294 -14.77 -29.18 2.81
CA ASP A 294 -13.92 -28.17 3.47
C ASP A 294 -14.06 -26.74 2.92
N LEU A 295 -14.99 -26.54 1.99
CA LEU A 295 -15.31 -25.22 1.46
C LEU A 295 -16.65 -24.72 2.05
N ALA A 296 -16.80 -24.90 3.37
CA ALA A 296 -18.01 -24.54 4.09
C ALA A 296 -17.95 -23.09 4.57
N SER A 297 -18.79 -22.76 5.57
CA SER A 297 -18.88 -21.40 6.12
C SER A 297 -17.63 -21.03 6.90
N ARG A 298 -17.35 -19.73 6.98
CA ARG A 298 -16.18 -19.23 7.73
C ARG A 298 -16.28 -19.48 9.23
N ASP A 299 -17.45 -19.88 9.70
CA ASP A 299 -17.68 -20.16 11.13
C ASP A 299 -17.75 -21.64 11.48
N VAL A 300 -18.15 -22.48 10.53
CA VAL A 300 -18.25 -23.93 10.72
C VAL A 300 -16.86 -24.58 10.63
N VAL A 301 -16.07 -24.15 9.65
CA VAL A 301 -14.70 -24.65 9.45
C VAL A 301 -13.83 -24.35 10.67
N SER A 302 -13.85 -23.09 11.10
CA SER A 302 -13.08 -22.65 12.26
C SER A 302 -13.51 -23.34 13.56
N ARG A 303 -14.82 -23.59 13.68
CA ARG A 303 -15.37 -24.31 14.82
C ARG A 303 -14.87 -25.74 14.84
N SER A 304 -14.79 -26.35 13.66
CA SER A 304 -14.22 -27.68 13.51
C SER A 304 -12.77 -27.68 13.98
N MET A 305 -12.02 -26.67 13.54
CA MET A 305 -10.61 -26.54 13.89
C MET A 305 -10.40 -26.29 15.38
N THR A 306 -11.07 -25.27 15.90
CA THR A 306 -10.84 -24.79 17.28
C THR A 306 -11.11 -25.86 18.33
N LEU A 307 -12.14 -26.67 18.12
CA LEU A 307 -12.48 -27.75 19.05
C LEU A 307 -11.52 -28.93 18.88
N GLU A 308 -11.04 -29.14 17.65
CA GLU A 308 -10.03 -30.16 17.37
C GLU A 308 -8.73 -29.94 18.15
N ILE A 309 -8.43 -28.66 18.42
CA ILE A 309 -7.28 -28.28 19.24
C ILE A 309 -7.53 -28.67 20.70
N ARG A 310 -8.77 -28.49 21.16
CA ARG A 310 -9.18 -28.92 22.50
C ARG A 310 -9.25 -30.45 22.59
N GLU A 311 -9.45 -31.10 21.44
CA GLU A 311 -9.48 -32.57 21.35
C GLU A 311 -8.10 -33.19 21.54
N GLY A 312 -7.06 -32.35 21.55
CA GLY A 312 -5.68 -32.82 21.66
C GLY A 312 -4.99 -32.92 20.31
N ARG A 313 -5.75 -32.72 19.24
CA ARG A 313 -5.25 -32.79 17.87
C ARG A 313 -4.55 -31.49 17.43
N GLY A 314 -3.48 -31.14 18.14
CA GLY A 314 -2.69 -29.95 17.83
C GLY A 314 -1.54 -30.24 16.88
N CYS A 315 -1.05 -29.20 16.19
CA CYS A 315 -0.04 -29.37 15.15
C CYS A 315 1.05 -28.29 15.22
N GLY A 316 1.80 -28.25 16.32
CA GLY A 316 2.88 -27.29 16.49
C GLY A 316 3.90 -27.68 17.54
N PRO A 317 4.71 -26.70 18.01
CA PRO A 317 5.69 -26.95 19.06
C PRO A 317 5.03 -27.21 20.43
N GLU A 318 3.84 -26.67 20.63
CA GLU A 318 3.11 -26.77 21.89
C GLU A 318 1.67 -27.22 21.67
N LYS A 319 1.42 -27.86 20.53
CA LYS A 319 0.08 -28.35 20.13
C LYS A 319 -1.05 -27.35 20.39
N ASP A 320 -0.99 -26.18 19.74
CA ASP A 320 -2.04 -25.17 19.89
C ASP A 320 -2.52 -24.58 18.57
N HIS A 321 -2.27 -25.29 17.46
CA HIS A 321 -2.77 -24.89 16.14
C HIS A 321 -2.93 -26.08 15.16
N VAL A 322 -3.50 -25.80 13.99
CA VAL A 322 -3.78 -26.81 12.95
C VAL A 322 -3.08 -26.42 11.64
N TYR A 323 -3.12 -27.30 10.63
CA TYR A 323 -2.47 -27.04 9.34
C TYR A 323 -3.43 -26.74 8.18
N LEU A 324 -2.92 -25.98 7.21
CA LEU A 324 -3.52 -25.84 5.88
C LEU A 324 -2.47 -26.33 4.91
N GLN A 325 -2.77 -27.40 4.19
CA GLN A 325 -1.81 -28.03 3.30
C GLN A 325 -1.99 -27.59 1.85
N LEU A 326 -0.87 -27.23 1.21
CA LEU A 326 -0.85 -26.87 -0.21
C LEU A 326 0.24 -27.65 -0.96
N HIS A 327 0.54 -28.84 -0.45
CA HIS A 327 1.51 -29.76 -1.06
C HIS A 327 1.04 -30.30 -2.42
N HIS A 328 -0.22 -30.76 -2.45
CA HIS A 328 -0.75 -31.52 -3.59
C HIS A 328 -1.04 -30.73 -4.87
N LEU A 329 -1.39 -29.45 -4.73
CA LEU A 329 -1.65 -28.59 -5.89
C LEU A 329 -0.46 -28.50 -6.84
N PRO A 330 -0.72 -28.37 -8.16
CA PRO A 330 0.33 -28.12 -9.15
C PRO A 330 1.13 -26.84 -8.85
N PRO A 331 2.47 -26.90 -8.93
CA PRO A 331 3.34 -25.74 -8.70
C PRO A 331 3.04 -24.57 -9.66
N GLU A 332 2.70 -24.90 -10.90
CA GLU A 332 2.39 -23.91 -11.94
C GLU A 332 1.14 -23.09 -11.65
N GLN A 333 0.25 -23.62 -10.81
CA GLN A 333 -1.01 -22.96 -10.46
C GLN A 333 -0.90 -22.12 -9.19
N LEU A 334 0.01 -22.48 -8.30
CA LEU A 334 0.27 -21.73 -7.07
C LEU A 334 0.87 -20.34 -7.35
N ALA A 335 1.85 -20.29 -8.24
CA ALA A 335 2.51 -19.02 -8.61
C ALA A 335 1.62 -18.09 -9.44
N VAL A 336 0.62 -18.66 -10.13
CA VAL A 336 -0.27 -17.89 -11.01
C VAL A 336 -1.55 -17.43 -10.30
N ARG A 337 -2.17 -18.32 -9.53
CA ARG A 337 -3.44 -18.02 -8.86
C ARG A 337 -3.32 -17.42 -7.46
N LEU A 338 -2.23 -17.76 -6.76
CA LEU A 338 -1.99 -17.29 -5.40
C LEU A 338 -0.52 -16.90 -5.15
N PRO A 339 -0.04 -15.80 -5.76
CA PRO A 339 1.37 -15.42 -5.59
C PRO A 339 1.70 -14.74 -4.26
N GLY A 340 0.74 -14.02 -3.69
CA GLY A 340 0.97 -13.23 -2.48
C GLY A 340 0.95 -14.01 -1.18
N ILE A 341 0.59 -15.29 -1.26
CA ILE A 341 0.68 -16.20 -0.12
C ILE A 341 1.96 -17.03 -0.18
N SER A 342 2.49 -17.22 -1.40
CA SER A 342 3.79 -17.86 -1.59
C SER A 342 4.89 -17.06 -0.89
N GLU A 343 4.79 -15.73 -0.97
CA GLU A 343 5.70 -14.80 -0.28
C GLU A 343 5.49 -14.80 1.24
N THR A 344 4.27 -14.46 1.68
CA THR A 344 3.95 -14.25 3.10
C THR A 344 4.04 -15.50 3.98
N ALA A 345 3.81 -16.68 3.39
CA ALA A 345 3.98 -17.94 4.12
C ALA A 345 5.46 -18.22 4.33
N MET A 346 6.28 -17.87 3.34
CA MET A 346 7.73 -17.97 3.43
C MET A 346 8.30 -16.91 4.38
N ILE A 347 7.80 -15.68 4.27
CA ILE A 347 8.34 -14.54 5.00
C ILE A 347 8.07 -14.57 6.52
N PHE A 348 6.85 -14.91 6.91
CA PHE A 348 6.47 -14.93 8.33
C PHE A 348 6.67 -16.26 9.05
N ALA A 349 6.58 -17.36 8.30
CA ALA A 349 6.72 -18.69 8.88
C ALA A 349 7.93 -19.45 8.34
N GLY A 350 8.35 -19.11 7.12
CA GLY A 350 9.49 -19.78 6.49
C GLY A 350 9.03 -21.02 5.74
N VAL A 351 7.94 -20.87 5.00
CA VAL A 351 7.26 -22.00 4.35
C VAL A 351 7.26 -21.89 2.82
N ASP A 352 7.95 -22.82 2.17
CA ASP A 352 7.82 -23.02 0.73
C ASP A 352 6.47 -23.68 0.52
N VAL A 353 5.55 -22.94 -0.10
CA VAL A 353 4.16 -23.40 -0.23
C VAL A 353 3.96 -24.70 -1.01
N THR A 354 4.84 -24.96 -1.99
CA THR A 354 4.67 -26.10 -2.90
C THR A 354 4.94 -27.48 -2.28
N LYS A 355 5.88 -27.54 -1.32
CA LYS A 355 6.28 -28.81 -0.68
C LYS A 355 6.26 -28.79 0.85
N GLU A 356 5.33 -28.01 1.43
CA GLU A 356 5.16 -27.86 2.88
C GLU A 356 3.74 -27.38 3.25
N PRO A 357 3.28 -27.67 4.49
CA PRO A 357 2.00 -27.12 4.97
C PRO A 357 2.16 -25.80 5.75
N ILE A 358 1.05 -25.09 5.94
CA ILE A 358 1.04 -23.82 6.68
C ILE A 358 0.46 -24.00 8.09
N PRO A 359 1.15 -23.50 9.13
CA PRO A 359 0.60 -23.53 10.50
C PRO A 359 -0.51 -22.49 10.73
N VAL A 360 -1.77 -22.90 10.55
CA VAL A 360 -2.92 -21.98 10.61
C VAL A 360 -3.86 -22.17 11.81
N LEU A 361 -3.93 -21.17 12.67
CA LEU A 361 -4.92 -21.11 13.75
C LEU A 361 -6.09 -20.27 13.26
N PRO A 362 -7.33 -20.55 13.73
CA PRO A 362 -8.43 -19.62 13.50
C PRO A 362 -8.27 -18.38 14.36
N THR A 363 -8.23 -17.21 13.71
CA THR A 363 -8.02 -15.94 14.40
C THR A 363 -9.12 -14.96 14.00
N VAL A 364 -9.40 -13.99 14.86
CA VAL A 364 -10.38 -12.92 14.57
C VAL A 364 -10.07 -12.24 13.23
N HIS A 365 -11.11 -11.89 12.47
CA HIS A 365 -10.92 -11.43 11.10
C HIS A 365 -11.89 -10.33 10.67
N TYR A 366 -13.16 -10.51 11.01
CA TYR A 366 -14.21 -9.65 10.48
C TYR A 366 -15.22 -9.22 11.55
N ASN A 367 -15.75 -8.00 11.40
CA ASN A 367 -16.84 -7.53 12.27
C ASN A 367 -18.14 -7.31 11.49
N MET A 368 -19.09 -8.21 11.69
CA MET A 368 -20.39 -8.11 11.02
C MET A 368 -21.16 -6.98 11.66
N GLY A 369 -21.12 -6.93 12.99
CA GLY A 369 -21.75 -5.85 13.75
C GLY A 369 -21.20 -4.49 13.40
N GLY A 370 -21.91 -3.45 13.81
CA GLY A 370 -21.45 -2.08 13.60
C GLY A 370 -22.56 -1.07 13.70
N ILE A 371 -22.51 -0.08 12.80
CA ILE A 371 -23.48 1.01 12.78
C ILE A 371 -24.76 0.60 12.04
N PRO A 372 -25.92 0.60 12.74
CA PRO A 372 -27.20 0.12 12.19
C PRO A 372 -27.60 0.93 10.97
N THR A 373 -28.07 0.25 9.93
CA THR A 373 -28.12 0.85 8.59
C THR A 373 -29.24 0.33 7.67
N ASN A 374 -29.85 1.26 6.96
CA ASN A 374 -30.67 1.02 5.76
C ASN A 374 -29.99 0.21 4.68
N TYR A 375 -30.78 -0.29 3.72
CA TYR A 375 -30.20 -0.79 2.46
C TYR A 375 -29.75 0.42 1.64
N LYS A 376 -30.12 1.61 2.10
CA LYS A 376 -29.74 2.87 1.50
C LYS A 376 -28.50 3.44 2.16
N GLY A 377 -28.15 2.87 3.31
CA GLY A 377 -26.94 3.30 4.02
C GLY A 377 -27.21 4.31 5.10
N GLN A 378 -28.50 4.61 5.30
CA GLN A 378 -28.91 5.60 6.29
C GLN A 378 -28.82 5.01 7.69
N VAL A 379 -28.03 5.65 8.54
CA VAL A 379 -27.80 5.17 9.90
C VAL A 379 -29.07 5.21 10.73
N LEU A 380 -29.36 4.10 11.39
CA LEU A 380 -30.60 3.98 12.15
C LEU A 380 -30.45 4.24 13.65
N ARG A 381 -31.49 4.84 14.22
CA ARG A 381 -31.68 4.84 15.67
C ARG A 381 -32.96 4.06 15.97
N HIS A 382 -33.17 3.72 17.24
CA HIS A 382 -34.28 2.86 17.64
C HIS A 382 -35.20 3.57 18.64
N VAL A 383 -36.10 4.37 18.10
CA VAL A 383 -37.06 5.13 18.88
C VAL A 383 -38.38 4.37 18.92
N ASN A 384 -38.80 3.98 20.12
CA ASN A 384 -40.10 3.36 20.35
C ASN A 384 -40.27 2.02 19.61
N GLY A 385 -39.34 1.10 19.82
CA GLY A 385 -39.36 -0.21 19.17
C GLY A 385 -39.37 -0.12 17.65
N GLN A 386 -39.21 1.09 17.14
CA GLN A 386 -39.30 1.36 15.71
C GLN A 386 -38.04 2.00 15.17
N ASP A 387 -37.79 1.79 13.88
CA ASP A 387 -36.64 2.37 13.24
C ASP A 387 -36.86 3.85 12.98
N GLN A 388 -35.76 4.58 12.78
CA GLN A 388 -35.79 6.00 12.51
C GLN A 388 -34.47 6.42 11.87
N VAL A 389 -34.57 7.12 10.75
CA VAL A 389 -33.39 7.62 10.05
C VAL A 389 -32.76 8.76 10.85
N VAL A 390 -31.47 8.64 11.13
CA VAL A 390 -30.69 9.77 11.65
C VAL A 390 -30.42 10.70 10.48
N PRO A 391 -30.86 11.97 10.59
CA PRO A 391 -30.68 12.90 9.49
C PRO A 391 -29.22 13.26 9.22
N GLY A 392 -28.82 13.14 7.96
CA GLY A 392 -27.47 13.52 7.50
C GLY A 392 -26.35 12.68 8.06
N LEU A 393 -26.59 11.38 8.17
CA LEU A 393 -25.60 10.43 8.69
C LEU A 393 -25.69 9.12 7.95
N TYR A 394 -24.56 8.63 7.46
CA TYR A 394 -24.51 7.39 6.69
C TYR A 394 -23.38 6.47 7.15
N ALA A 395 -23.50 5.19 6.84
CA ALA A 395 -22.45 4.22 7.12
C ALA A 395 -22.36 3.16 6.02
N CYS A 396 -21.14 2.74 5.71
CA CYS A 396 -20.92 1.71 4.69
C CYS A 396 -19.69 0.85 4.97
N GLY A 397 -19.74 -0.41 4.52
CA GLY A 397 -18.65 -1.35 4.72
C GLY A 397 -18.56 -1.93 6.13
N GLU A 398 -17.34 -2.27 6.54
CA GLU A 398 -17.11 -3.05 7.75
C GLU A 398 -17.48 -2.28 9.01
N ALA A 399 -17.43 -0.95 8.92
CA ALA A 399 -17.82 -0.11 10.05
C ALA A 399 -19.32 -0.25 10.29
N ALA A 400 -20.05 -0.35 9.18
CA ALA A 400 -21.51 -0.35 9.18
C ALA A 400 -22.11 -1.72 9.43
N CYS A 401 -23.42 -1.72 9.61
CA CYS A 401 -24.20 -2.93 9.70
C CYS A 401 -25.56 -2.67 9.07
N ALA A 402 -25.64 -2.89 7.76
CA ALA A 402 -26.92 -3.08 7.09
C ALA A 402 -27.27 -4.54 7.33
N SER A 403 -26.28 -5.27 7.84
CA SER A 403 -26.33 -6.71 8.05
C SER A 403 -26.86 -7.38 6.78
N VAL A 404 -26.08 -7.17 5.73
CA VAL A 404 -26.12 -7.95 4.52
C VAL A 404 -25.36 -9.26 4.83
N HIS A 405 -24.68 -9.27 5.98
CA HIS A 405 -23.84 -10.38 6.43
C HIS A 405 -24.49 -11.18 7.56
N GLY A 406 -25.22 -10.50 8.44
CA GLY A 406 -25.94 -11.16 9.53
C GLY A 406 -25.04 -11.75 10.60
N ALA A 407 -25.25 -13.02 10.91
CA ALA A 407 -24.53 -13.71 11.99
C ALA A 407 -23.22 -14.33 11.52
N ASN A 408 -23.01 -14.28 10.20
CA ASN A 408 -21.83 -14.85 9.60
C ASN A 408 -21.63 -14.37 8.17
N ARG A 409 -20.55 -13.61 7.95
CA ARG A 409 -20.19 -13.14 6.61
C ARG A 409 -19.74 -14.28 5.69
N LEU A 410 -20.42 -14.41 4.56
CA LEU A 410 -20.01 -15.32 3.51
C LEU A 410 -18.73 -14.78 2.88
N GLY A 411 -17.75 -15.66 2.66
CA GLY A 411 -16.45 -15.26 2.14
C GLY A 411 -16.49 -14.58 0.77
N ALA A 412 -15.69 -13.52 0.64
CA ALA A 412 -15.58 -12.72 -0.60
C ALA A 412 -16.76 -11.77 -0.85
N ASN A 413 -17.41 -11.35 0.24
CA ASN A 413 -18.57 -10.48 0.16
C ASN A 413 -18.38 -9.08 0.73
N SER A 414 -17.42 -8.92 1.65
CA SER A 414 -17.22 -7.59 2.22
C SER A 414 -16.60 -6.62 1.24
N LEU A 415 -15.77 -7.14 0.35
CA LEU A 415 -15.24 -6.32 -0.72
C LEU A 415 -16.37 -5.79 -1.59
N LEU A 416 -17.35 -6.65 -1.84
CA LEU A 416 -18.55 -6.27 -2.57
C LEU A 416 -19.42 -5.32 -1.75
N ASP A 417 -19.67 -5.70 -0.50
CA ASP A 417 -20.30 -4.85 0.52
C ASP A 417 -19.76 -3.43 0.45
N LEU A 418 -18.43 -3.30 0.51
CA LEU A 418 -17.76 -2.02 0.38
C LEU A 418 -18.30 -1.21 -0.79
N VAL A 419 -18.19 -1.78 -2.00
CA VAL A 419 -18.42 -1.07 -3.26
C VAL A 419 -19.89 -0.69 -3.46
N VAL A 420 -20.79 -1.65 -3.22
CA VAL A 420 -22.23 -1.43 -3.37
C VAL A 420 -22.74 -0.33 -2.45
N PHE A 421 -22.43 -0.44 -1.16
CA PHE A 421 -22.94 0.50 -0.17
C PHE A 421 -22.10 1.76 -0.06
N GLY A 422 -20.97 1.77 -0.76
CA GLY A 422 -20.28 3.02 -1.04
C GLY A 422 -21.21 3.75 -1.97
N ARG A 423 -21.25 3.28 -3.22
CA ARG A 423 -22.19 3.78 -4.23
C ARG A 423 -23.53 4.20 -3.63
N ALA A 424 -24.14 3.29 -2.86
CA ALA A 424 -25.47 3.52 -2.30
C ALA A 424 -25.52 4.78 -1.46
N CYS A 425 -24.55 4.95 -0.56
CA CYS A 425 -24.49 6.13 0.30
C CYS A 425 -24.45 7.41 -0.52
N ALA A 426 -23.83 7.35 -1.69
CA ALA A 426 -23.75 8.49 -2.60
C ALA A 426 -25.11 8.79 -3.23
N LEU A 427 -25.70 7.80 -3.89
CA LEU A 427 -27.00 7.95 -4.53
C LEU A 427 -28.09 8.37 -3.56
N SER A 428 -28.02 7.86 -2.33
CA SER A 428 -28.95 8.25 -1.27
C SER A 428 -28.91 9.74 -1.01
N ILE A 429 -27.71 10.30 -1.01
CA ILE A 429 -27.54 11.74 -0.88
C ILE A 429 -27.95 12.41 -2.18
N ALA A 430 -27.37 11.95 -3.28
CA ALA A 430 -27.62 12.48 -4.63
C ALA A 430 -29.11 12.63 -4.92
N GLU A 431 -29.91 11.77 -4.29
CA GLU A 431 -31.35 11.73 -4.54
C GLU A 431 -32.21 12.26 -3.39
N SER A 432 -31.58 12.70 -2.29
CA SER A 432 -32.35 13.29 -1.18
C SER A 432 -32.11 14.81 -1.01
N CYS A 433 -31.20 15.36 -1.82
CA CYS A 433 -30.91 16.80 -1.81
C CYS A 433 -30.08 17.21 -3.04
N ARG A 434 -29.92 18.53 -3.23
CA ARG A 434 -29.07 19.06 -4.28
C ARG A 434 -27.72 19.56 -3.72
N PRO A 435 -26.66 19.56 -4.55
CA PRO A 435 -25.40 20.16 -4.10
C PRO A 435 -25.52 21.67 -3.97
N GLY A 436 -24.81 22.23 -3.00
CA GLY A 436 -24.89 23.65 -2.69
C GLY A 436 -26.15 24.03 -1.94
N ASP A 437 -26.78 23.04 -1.29
CA ASP A 437 -27.93 23.31 -0.43
C ASP A 437 -27.43 23.79 0.93
N LYS A 438 -28.37 24.28 1.75
CA LYS A 438 -28.03 24.86 3.06
C LYS A 438 -27.21 23.91 3.93
N VAL A 439 -25.94 24.27 4.13
CA VAL A 439 -25.08 23.60 5.10
C VAL A 439 -25.48 24.12 6.47
N PRO A 440 -26.03 23.24 7.33
CA PRO A 440 -26.63 23.72 8.57
C PRO A 440 -25.58 24.37 9.46
N SER A 441 -25.98 25.43 10.16
CA SER A 441 -25.06 26.15 11.04
C SER A 441 -24.63 25.30 12.23
N ILE A 442 -23.80 25.87 13.10
CA ILE A 442 -23.19 25.10 14.19
C ILE A 442 -22.94 26.00 15.41
N LYS A 443 -23.09 25.43 16.60
CA LYS A 443 -22.79 26.14 17.85
C LYS A 443 -21.30 26.52 17.83
N PRO A 444 -20.97 27.75 18.27
CA PRO A 444 -19.60 28.26 18.17
C PRO A 444 -18.61 27.33 18.88
N ASN A 445 -19.09 26.65 19.91
CA ASN A 445 -18.25 25.83 20.79
C ASN A 445 -18.62 24.35 20.73
N ALA A 446 -19.11 23.92 19.57
CA ALA A 446 -19.50 22.52 19.36
C ALA A 446 -18.28 21.65 19.10
N GLY A 447 -18.23 20.49 19.75
CA GLY A 447 -17.06 19.62 19.69
C GLY A 447 -16.10 19.91 20.82
N GLU A 448 -16.47 20.91 21.63
CA GLU A 448 -15.79 21.27 22.87
C GLU A 448 -15.30 20.06 23.65
N GLU A 449 -16.16 19.03 23.72
CA GLU A 449 -15.91 17.81 24.49
C GLU A 449 -14.69 17.02 24.01
N SER A 450 -14.53 16.94 22.69
CA SER A 450 -13.45 16.16 22.06
C SER A 450 -12.08 16.78 22.29
N VAL A 451 -11.98 18.09 22.09
CA VAL A 451 -10.76 18.85 22.35
C VAL A 451 -10.35 18.70 23.82
N MET A 452 -11.33 18.83 24.72
CA MET A 452 -11.14 18.62 26.16
C MET A 452 -10.63 17.22 26.46
N ASN A 453 -11.22 16.23 25.80
CA ASN A 453 -10.79 14.84 25.90
C ASN A 453 -9.40 14.65 25.30
N LEU A 454 -9.11 15.43 24.26
CA LEU A 454 -7.82 15.39 23.57
C LEU A 454 -6.71 15.87 24.51
N ASP A 455 -6.98 16.95 25.23
CA ASP A 455 -6.01 17.58 26.13
C ASP A 455 -5.70 16.71 27.35
N LYS A 456 -6.74 16.07 27.88
CA LYS A 456 -6.63 15.17 29.01
C LYS A 456 -5.76 13.97 28.65
N LEU A 457 -5.96 13.43 27.45
CA LEU A 457 -5.16 12.30 26.96
C LEU A 457 -3.75 12.68 26.49
N ARG A 458 -3.56 13.93 26.11
CA ARG A 458 -2.27 14.40 25.60
C ARG A 458 -1.28 14.63 26.74
N PHE A 459 -1.72 15.35 27.77
CA PHE A 459 -0.89 15.61 28.95
C PHE A 459 -1.14 14.59 30.06
N ALA A 460 -1.60 13.39 29.68
CA ALA A 460 -2.00 12.36 30.64
C ALA A 460 -0.81 11.75 31.40
N ASN A 461 -0.71 12.10 32.68
CA ASN A 461 0.33 11.55 33.55
C ASN A 461 -0.26 10.67 34.64
N GLY A 462 -0.84 9.54 34.23
CA GLY A 462 -1.41 8.59 35.17
C GLY A 462 -0.41 7.54 35.65
N THR A 463 -0.92 6.33 35.93
CA THR A 463 -0.10 5.22 36.43
C THR A 463 -0.04 4.00 35.50
N ILE A 464 -1.08 3.80 34.69
CA ILE A 464 -1.10 2.68 33.75
C ILE A 464 -0.67 3.12 32.35
N ARG A 465 0.41 2.52 31.87
CA ARG A 465 0.93 2.80 30.54
C ARG A 465 -0.11 2.38 29.47
N THR A 466 -0.22 3.18 28.41
CA THR A 466 -1.20 2.94 27.33
C THR A 466 -1.13 1.52 26.77
N SER A 467 0.08 1.05 26.52
CA SER A 467 0.28 -0.25 25.89
C SER A 467 -0.17 -1.42 26.76
N GLU A 468 0.01 -1.29 28.07
CA GLU A 468 -0.37 -2.35 29.01
C GLU A 468 -1.88 -2.52 29.12
N LEU A 469 -2.59 -1.39 29.16
CA LEU A 469 -4.05 -1.39 29.23
C LEU A 469 -4.65 -1.97 27.94
N ARG A 470 -4.08 -1.57 26.80
CA ARG A 470 -4.43 -2.17 25.52
C ARG A 470 -4.28 -3.68 25.58
N LEU A 471 -3.16 -4.14 26.16
CA LEU A 471 -2.84 -5.56 26.24
C LEU A 471 -3.88 -6.34 27.05
N SER A 472 -4.18 -5.85 28.25
CA SER A 472 -5.12 -6.52 29.15
C SER A 472 -6.50 -6.71 28.51
N MET A 473 -6.95 -5.69 27.78
CA MET A 473 -8.22 -5.75 27.06
C MET A 473 -8.19 -6.87 26.02
N GLN A 474 -7.18 -6.84 25.15
CA GLN A 474 -6.97 -7.83 24.08
C GLN A 474 -7.00 -9.28 24.56
N LYS A 475 -6.20 -9.57 25.58
CA LYS A 475 -6.12 -10.93 26.12
C LYS A 475 -7.39 -11.32 26.87
N SER A 476 -8.04 -10.34 27.51
CA SER A 476 -9.31 -10.56 28.20
C SER A 476 -10.41 -10.92 27.21
N MET A 477 -10.37 -10.28 26.05
CA MET A 477 -11.29 -10.59 24.97
C MET A 477 -10.91 -11.92 24.35
N GLN A 478 -9.61 -12.20 24.29
CA GLN A 478 -9.10 -13.40 23.62
C GLN A 478 -9.48 -14.70 24.31
N SER A 479 -9.68 -14.62 25.62
CA SER A 479 -9.96 -15.80 26.45
C SER A 479 -11.41 -15.89 26.94
N HIS A 480 -12.12 -14.75 26.96
CA HIS A 480 -13.50 -14.71 27.44
C HIS A 480 -14.55 -14.73 26.33
N ALA A 481 -14.25 -14.04 25.23
CA ALA A 481 -15.11 -14.00 24.04
C ALA A 481 -14.39 -14.58 22.83
N ALA A 482 -13.89 -15.81 22.99
CA ALA A 482 -13.18 -16.52 21.92
C ALA A 482 -14.15 -17.10 20.89
N VAL A 483 -13.76 -18.19 20.22
CA VAL A 483 -14.63 -18.87 19.27
C VAL A 483 -15.81 -19.50 20.03
N PHE A 484 -15.51 -20.51 20.85
CA PHE A 484 -16.50 -21.04 21.79
C PHE A 484 -16.52 -20.16 23.03
N ARG A 485 -17.72 -19.97 23.59
CA ARG A 485 -17.90 -19.13 24.79
C ARG A 485 -19.13 -19.47 25.61
N VAL A 486 -18.90 -19.67 26.91
CA VAL A 486 -19.95 -19.98 27.87
C VAL A 486 -20.34 -18.75 28.68
N GLY A 487 -21.56 -18.75 29.19
CA GLY A 487 -22.07 -17.68 30.06
C GLY A 487 -21.33 -17.55 31.37
N SER A 488 -20.59 -18.59 31.75
CA SER A 488 -19.74 -18.56 32.93
C SER A 488 -18.60 -17.58 32.69
N VAL A 489 -17.77 -17.90 31.72
CA VAL A 489 -16.57 -17.12 31.38
C VAL A 489 -16.90 -15.82 30.63
N LEU A 490 -18.07 -15.78 29.98
CA LEU A 490 -18.56 -14.54 29.40
C LEU A 490 -18.93 -13.51 30.47
N GLN A 491 -19.52 -13.98 31.56
CA GLN A 491 -19.90 -13.13 32.69
C GLN A 491 -18.69 -12.50 33.37
N GLU A 492 -17.67 -13.33 33.64
CA GLU A 492 -16.41 -12.86 34.22
C GLU A 492 -15.71 -11.90 33.27
N GLY A 493 -15.80 -12.17 31.96
CA GLY A 493 -15.22 -11.31 30.93
C GLY A 493 -15.81 -9.91 30.91
N CYS A 494 -17.11 -9.81 31.15
CA CYS A 494 -17.83 -8.53 31.16
C CYS A 494 -17.34 -7.61 32.26
N GLU A 495 -17.35 -8.11 33.50
CA GLU A 495 -16.93 -7.31 34.65
C GLU A 495 -15.41 -7.15 34.71
N LYS A 496 -14.70 -7.90 33.87
CA LYS A 496 -13.25 -7.76 33.73
C LYS A 496 -12.93 -6.66 32.74
N ILE A 497 -13.67 -6.63 31.63
CA ILE A 497 -13.62 -5.53 30.66
C ILE A 497 -14.06 -4.24 31.35
N LEU A 498 -15.11 -4.33 32.16
CA LEU A 498 -15.68 -3.19 32.87
C LEU A 498 -14.68 -2.51 33.81
N ARG A 499 -13.91 -3.32 34.53
CA ARG A 499 -12.83 -2.80 35.38
C ARG A 499 -11.81 -2.05 34.52
N LEU A 500 -11.48 -2.63 33.36
CA LEU A 500 -10.50 -2.05 32.44
C LEU A 500 -10.97 -0.76 31.79
N TYR A 501 -12.28 -0.51 31.80
CA TYR A 501 -12.80 0.79 31.36
C TYR A 501 -12.57 1.86 32.42
N GLY A 502 -12.69 1.46 33.68
CA GLY A 502 -12.32 2.33 34.78
C GLY A 502 -10.89 2.77 34.56
N ASP A 503 -10.01 1.77 34.46
CA ASP A 503 -8.56 1.96 34.35
C ASP A 503 -8.10 3.04 33.35
N LEU A 504 -8.96 3.41 32.42
CA LEU A 504 -8.67 4.46 31.43
C LEU A 504 -8.49 5.83 32.08
N GLN A 505 -9.16 6.03 33.21
CA GLN A 505 -9.01 7.25 34.02
C GLN A 505 -7.60 7.33 34.64
N HIS A 506 -6.91 6.19 34.65
CA HIS A 506 -5.58 6.08 35.27
C HIS A 506 -4.40 6.19 34.31
N LEU A 507 -4.62 6.15 33.00
CA LEU A 507 -3.51 5.88 32.06
C LEU A 507 -2.41 6.93 31.90
N LYS A 508 -1.23 6.46 31.53
CA LYS A 508 -0.04 7.28 31.32
C LYS A 508 0.37 7.35 29.84
N THR A 509 0.50 8.57 29.34
CA THR A 509 1.09 8.85 28.04
C THR A 509 2.32 9.74 28.24
N PHE A 510 3.35 9.55 27.42
CA PHE A 510 4.66 10.19 27.62
C PHE A 510 4.99 11.34 26.66
N ASP A 511 4.50 11.25 25.41
CA ASP A 511 4.75 12.27 24.39
C ASP A 511 3.78 13.44 24.56
N ARG A 512 4.32 14.66 24.51
CA ARG A 512 3.56 15.88 24.76
C ARG A 512 3.52 16.83 23.56
N GLY A 513 3.93 16.33 22.40
CA GLY A 513 4.00 17.14 21.19
C GLY A 513 2.71 17.26 20.40
N MET A 514 2.71 18.22 19.48
CA MET A 514 1.60 18.45 18.57
C MET A 514 1.79 17.68 17.26
N VAL A 515 3.02 17.74 16.74
CA VAL A 515 3.37 17.03 15.53
C VAL A 515 3.41 15.52 15.79
N TRP A 516 2.70 14.78 14.94
CA TRP A 516 2.69 13.32 14.94
C TRP A 516 2.81 12.68 16.33
N ASN A 517 1.91 13.05 17.23
CA ASN A 517 1.87 12.42 18.53
C ASN A 517 1.17 11.07 18.42
N THR A 518 1.87 10.06 17.93
CA THR A 518 1.30 8.71 17.84
C THR A 518 1.01 8.13 19.22
N ASP A 519 1.77 8.56 20.22
CA ASP A 519 1.55 8.20 21.61
C ASP A 519 0.15 8.63 22.05
N LEU A 520 -0.27 9.81 21.59
CA LEU A 520 -1.61 10.32 21.87
C LEU A 520 -2.71 9.61 21.11
N VAL A 521 -2.52 9.41 19.80
CA VAL A 521 -3.57 8.84 18.96
C VAL A 521 -3.85 7.38 19.25
N GLU A 522 -2.80 6.61 19.55
CA GLU A 522 -2.99 5.19 19.85
C GLU A 522 -3.84 5.01 21.11
N THR A 523 -3.80 6.02 21.97
CA THR A 523 -4.58 6.08 23.20
C THR A 523 -6.05 6.45 22.91
N LEU A 524 -6.26 7.36 21.95
CA LEU A 524 -7.61 7.66 21.44
C LEU A 524 -8.17 6.44 20.75
N GLU A 525 -7.29 5.72 20.07
CA GLU A 525 -7.62 4.44 19.48
C GLU A 525 -8.09 3.46 20.58
N LEU A 526 -7.45 3.53 21.75
CA LEU A 526 -7.78 2.63 22.85
C LEU A 526 -9.18 2.85 23.42
N GLN A 527 -9.56 4.11 23.64
CA GLN A 527 -10.93 4.42 24.05
C GLN A 527 -11.90 3.93 22.98
N ASN A 528 -11.59 4.28 21.72
CA ASN A 528 -12.35 3.79 20.59
C ASN A 528 -12.51 2.27 20.60
N LEU A 529 -11.43 1.57 20.95
CA LEU A 529 -11.45 0.10 21.07
C LEU A 529 -12.31 -0.36 22.24
N MET A 530 -12.02 0.16 23.43
CA MET A 530 -12.69 -0.23 24.68
C MET A 530 -14.22 -0.16 24.61
N LEU A 531 -14.73 0.83 23.88
CA LEU A 531 -16.16 0.99 23.70
C LEU A 531 -16.69 -0.13 22.82
N CYS A 532 -15.94 -0.43 21.75
CA CYS A 532 -16.29 -1.53 20.86
C CYS A 532 -16.22 -2.87 21.58
N ALA A 533 -15.24 -3.01 22.47
CA ALA A 533 -15.08 -4.19 23.32
C ALA A 533 -16.24 -4.37 24.29
N LEU A 534 -16.62 -3.27 24.97
CA LEU A 534 -17.69 -3.32 25.97
C LEU A 534 -19.00 -3.87 25.41
N GLN A 535 -19.34 -3.45 24.20
CA GLN A 535 -20.58 -3.85 23.57
C GLN A 535 -20.48 -5.27 23.01
N THR A 536 -19.28 -5.67 22.63
CA THR A 536 -19.04 -7.00 22.08
C THR A 536 -19.28 -8.07 23.13
N ILE A 537 -18.65 -7.89 24.30
CA ILE A 537 -18.73 -8.86 25.41
C ILE A 537 -20.12 -8.89 26.08
N TYR A 538 -20.76 -7.72 26.19
CA TYR A 538 -22.09 -7.62 26.81
C TYR A 538 -23.20 -8.20 25.94
N GLY A 539 -23.15 -7.90 24.64
CA GLY A 539 -24.07 -8.47 23.66
C GLY A 539 -23.91 -9.99 23.61
N ALA A 540 -22.67 -10.45 23.75
CA ALA A 540 -22.34 -11.87 23.74
C ALA A 540 -22.91 -12.59 24.95
N GLU A 541 -22.82 -11.97 26.12
CA GLU A 541 -23.29 -12.60 27.36
C GLU A 541 -24.82 -12.69 27.35
N ALA A 542 -25.44 -11.68 26.76
CA ALA A 542 -26.90 -11.60 26.71
C ALA A 542 -27.51 -12.65 25.76
N ARG A 543 -26.87 -12.85 24.61
CA ARG A 543 -27.39 -13.78 23.60
C ARG A 543 -27.28 -15.24 24.04
N LYS A 544 -28.44 -15.82 24.37
CA LYS A 544 -28.51 -17.19 24.87
C LYS A 544 -29.00 -18.16 23.79
N GLU A 545 -28.30 -18.16 22.67
CA GLU A 545 -28.57 -19.05 21.55
C GLU A 545 -27.24 -19.29 20.82
N SER A 546 -27.25 -20.18 19.83
CA SER A 546 -26.07 -20.43 18.97
C SER A 546 -26.38 -20.15 17.51
N ARG A 547 -26.11 -18.92 17.08
CA ARG A 547 -26.35 -18.48 15.70
C ARG A 547 -25.05 -17.98 15.07
N GLY A 548 -24.75 -18.49 13.88
CA GLY A 548 -23.57 -18.08 13.12
C GLY A 548 -22.29 -18.22 13.91
N ALA A 549 -21.54 -17.12 14.03
CA ALA A 549 -20.26 -17.11 14.72
C ALA A 549 -20.38 -17.12 16.25
N HIS A 550 -21.53 -16.65 16.74
CA HIS A 550 -21.78 -16.63 18.18
C HIS A 550 -22.34 -17.97 18.61
N ALA A 551 -21.46 -18.86 19.05
CA ALA A 551 -21.89 -20.18 19.52
C ALA A 551 -21.70 -20.33 21.03
N ARG A 552 -22.82 -20.49 21.74
CA ARG A 552 -22.80 -20.69 23.18
C ARG A 552 -22.74 -22.18 23.50
N GLU A 553 -21.86 -22.53 24.44
CA GLU A 553 -21.74 -23.91 24.91
C GLU A 553 -23.01 -24.31 25.68
N ASP A 554 -23.50 -23.39 26.52
CA ASP A 554 -24.69 -23.62 27.33
C ASP A 554 -26.00 -23.58 26.55
N PHE A 555 -26.02 -22.79 25.48
CA PHE A 555 -27.20 -22.68 24.63
C PHE A 555 -26.89 -23.03 23.18
N LYS A 556 -26.60 -24.30 22.97
CA LYS A 556 -26.30 -24.84 21.63
C LYS A 556 -27.46 -24.73 20.65
N GLU A 557 -28.69 -24.62 21.18
CA GLU A 557 -29.89 -24.48 20.37
C GLU A 557 -29.85 -23.16 19.58
N ARG A 558 -30.46 -23.16 18.40
CA ARG A 558 -30.61 -21.93 17.61
C ARG A 558 -32.04 -21.43 17.73
N VAL A 559 -32.24 -20.42 18.57
CA VAL A 559 -33.58 -19.97 18.98
C VAL A 559 -34.23 -19.01 17.97
N ASP A 560 -35.09 -19.55 17.12
CA ASP A 560 -35.84 -18.75 16.14
C ASP A 560 -37.22 -18.38 16.70
N GLU A 561 -38.00 -17.65 15.91
CA GLU A 561 -39.37 -17.31 16.30
C GLU A 561 -40.17 -18.60 16.38
N TYR A 562 -39.87 -19.53 15.48
CA TYR A 562 -40.46 -20.86 15.49
C TYR A 562 -39.41 -21.93 15.82
N ASP A 563 -39.85 -23.18 15.86
CA ASP A 563 -38.97 -24.32 15.82
C ASP A 563 -38.97 -24.76 14.35
N TYR A 564 -38.01 -24.25 13.59
CA TYR A 564 -38.02 -24.37 12.13
C TYR A 564 -37.64 -25.73 11.54
N SER A 565 -37.38 -26.71 12.39
CA SER A 565 -37.10 -28.07 11.93
C SER A 565 -38.35 -28.75 11.38
N LYS A 566 -39.38 -28.85 12.22
CA LYS A 566 -40.69 -29.39 11.81
C LYS A 566 -41.46 -28.35 10.96
N PRO A 567 -42.58 -28.77 10.31
CA PRO A 567 -43.39 -27.82 9.54
C PRO A 567 -43.89 -26.63 10.37
N ILE A 568 -44.11 -25.51 9.68
CA ILE A 568 -44.40 -24.22 10.32
C ILE A 568 -45.89 -24.01 10.68
N GLN A 569 -46.71 -25.04 10.49
CA GLN A 569 -48.17 -24.86 10.51
C GLN A 569 -48.84 -24.81 11.89
N GLY A 570 -49.03 -25.97 12.51
CA GLY A 570 -49.75 -26.09 13.79
C GLY A 570 -48.87 -25.82 15.00
N GLN A 571 -48.53 -24.56 15.20
CA GLN A 571 -47.49 -24.15 16.14
C GLN A 571 -47.49 -22.62 16.15
N GLN A 572 -47.54 -22.03 17.35
CA GLN A 572 -47.71 -20.58 17.45
C GLN A 572 -46.40 -19.81 17.60
N LYS A 573 -46.37 -18.62 16.98
CA LYS A 573 -45.27 -17.67 17.04
C LYS A 573 -44.90 -17.32 18.48
N LYS A 574 -43.60 -17.23 18.75
CA LYS A 574 -43.13 -16.76 20.05
C LYS A 574 -43.09 -15.24 20.08
N PRO A 575 -43.44 -14.63 21.23
CA PRO A 575 -43.31 -13.19 21.44
C PRO A 575 -41.88 -12.71 21.26
N PHE A 576 -41.73 -11.52 20.69
CA PHE A 576 -40.43 -10.96 20.33
C PHE A 576 -39.36 -11.23 21.38
N GLN A 577 -39.66 -10.88 22.63
CA GLN A 577 -38.67 -10.97 23.72
C GLN A 577 -38.52 -12.39 24.28
N GLU A 578 -38.78 -13.38 23.44
CA GLU A 578 -38.62 -14.78 23.82
C GLU A 578 -37.82 -15.61 22.81
N HIS A 579 -37.55 -15.02 21.64
CA HIS A 579 -36.60 -15.63 20.71
C HIS A 579 -35.36 -14.76 20.50
N TRP A 580 -34.40 -15.27 19.74
CA TRP A 580 -33.15 -14.56 19.53
C TRP A 580 -32.88 -14.30 18.06
N ARG A 581 -33.92 -14.39 17.23
CA ARG A 581 -33.81 -14.03 15.82
C ARG A 581 -34.11 -12.54 15.61
N LYS A 582 -33.30 -11.72 16.27
CA LYS A 582 -33.45 -10.28 16.28
C LYS A 582 -32.06 -9.68 16.41
N HIS A 583 -31.91 -8.42 16.01
CA HIS A 583 -30.61 -7.75 16.07
C HIS A 583 -30.34 -7.17 17.44
N THR A 584 -29.08 -7.23 17.86
CA THR A 584 -28.65 -6.63 19.12
C THR A 584 -28.35 -5.15 18.92
N LEU A 585 -28.96 -4.30 19.74
CA LEU A 585 -28.63 -2.87 19.74
C LEU A 585 -28.00 -2.46 21.07
N SER A 586 -26.72 -2.09 21.02
CA SER A 586 -25.98 -1.76 22.22
C SER A 586 -25.65 -0.27 22.34
N TYR A 587 -25.80 0.25 23.56
CA TYR A 587 -25.46 1.62 23.91
C TYR A 587 -24.42 1.58 25.04
N VAL A 588 -23.80 2.73 25.32
CA VAL A 588 -22.96 2.86 26.49
C VAL A 588 -22.88 4.30 27.00
N ASP A 589 -23.30 4.50 28.24
CA ASP A 589 -23.07 5.77 28.92
C ASP A 589 -21.56 5.89 29.14
N VAL A 590 -20.94 6.73 28.32
CA VAL A 590 -19.49 6.83 28.22
C VAL A 590 -18.79 7.08 29.57
N LYS A 591 -19.46 7.79 30.49
CA LYS A 591 -18.88 8.06 31.80
C LYS A 591 -18.82 6.81 32.70
N THR A 592 -19.99 6.29 33.08
CA THR A 592 -20.07 5.09 33.92
C THR A 592 -19.60 3.83 33.19
N GLY A 593 -19.59 3.89 31.87
CA GLY A 593 -19.15 2.78 31.02
C GLY A 593 -20.08 1.59 31.14
N LYS A 594 -21.38 1.86 31.01
CA LYS A 594 -22.42 0.85 31.21
C LYS A 594 -23.15 0.54 29.89
N VAL A 595 -23.20 -0.75 29.56
CA VAL A 595 -23.86 -1.20 28.33
C VAL A 595 -25.32 -1.60 28.57
N SER A 596 -26.24 -0.77 28.11
CA SER A 596 -27.64 -1.14 28.03
C SER A 596 -27.93 -1.55 26.59
N LEU A 597 -28.73 -2.60 26.41
CA LEU A 597 -29.00 -3.14 25.08
C LEU A 597 -30.44 -3.59 24.84
N GLU A 598 -31.00 -3.17 23.71
CA GLU A 598 -32.32 -3.61 23.27
C GLU A 598 -32.18 -4.38 21.96
N TYR A 599 -33.31 -4.68 21.31
CA TYR A 599 -33.29 -5.48 20.08
C TYR A 599 -34.26 -4.95 19.04
N ARG A 600 -33.92 -5.14 17.77
CA ARG A 600 -34.81 -4.78 16.69
C ARG A 600 -34.95 -5.95 15.70
N PRO A 601 -36.15 -6.10 15.12
CA PRO A 601 -36.41 -7.29 14.30
C PRO A 601 -35.66 -7.22 12.99
N VAL A 602 -35.21 -8.37 12.52
CA VAL A 602 -34.52 -8.41 11.25
C VAL A 602 -35.57 -8.26 10.17
N ILE A 603 -35.18 -7.67 9.04
CA ILE A 603 -36.08 -7.50 7.92
C ILE A 603 -36.06 -8.82 7.16
N ASP A 604 -37.24 -9.35 6.87
CA ASP A 604 -37.34 -10.62 6.15
C ASP A 604 -37.80 -10.47 4.71
N LYS A 605 -38.65 -9.48 4.47
CA LYS A 605 -39.11 -9.16 3.13
C LYS A 605 -37.95 -8.63 2.28
N THR A 606 -38.01 -8.93 0.98
CA THR A 606 -37.01 -8.41 0.04
C THR A 606 -37.53 -7.10 -0.56
N LEU A 607 -37.03 -6.73 -1.73
CA LEU A 607 -37.50 -5.52 -2.41
C LEU A 607 -38.54 -5.83 -3.49
N ASN A 608 -38.67 -7.11 -3.84
CA ASN A 608 -39.69 -7.56 -4.79
C ASN A 608 -39.84 -9.08 -4.78
N GLU A 609 -40.80 -9.56 -4.00
CA GLU A 609 -41.09 -10.99 -3.89
C GLU A 609 -41.14 -11.65 -5.27
N ALA A 610 -41.68 -10.93 -6.25
CA ALA A 610 -41.85 -11.41 -7.62
C ALA A 610 -40.53 -11.51 -8.39
N ASP A 611 -39.51 -10.78 -7.94
CA ASP A 611 -38.19 -10.82 -8.57
C ASP A 611 -37.20 -11.62 -7.74
N CYS A 612 -37.35 -11.54 -6.42
CA CYS A 612 -36.43 -12.19 -5.49
C CYS A 612 -37.21 -12.66 -4.27
N ALA A 613 -37.49 -13.97 -4.22
CA ALA A 613 -38.34 -14.54 -3.19
C ALA A 613 -37.73 -14.42 -1.80
N THR A 614 -38.57 -14.15 -0.82
CA THR A 614 -38.14 -14.20 0.59
C THR A 614 -37.79 -15.65 0.91
N VAL A 615 -36.61 -15.85 1.51
CA VAL A 615 -36.17 -17.19 1.89
C VAL A 615 -36.32 -17.38 3.40
N PRO A 616 -37.25 -18.27 3.82
CA PRO A 616 -37.56 -18.50 5.22
C PRO A 616 -36.51 -19.35 5.93
N PRO A 617 -36.29 -19.11 7.24
CA PRO A 617 -35.34 -19.87 8.05
C PRO A 617 -35.45 -21.40 7.88
N ALA A 618 -34.29 -22.08 7.96
CA ALA A 618 -34.23 -23.53 7.81
C ALA A 618 -33.15 -24.09 8.75
N ILE A 619 -33.08 -25.42 8.83
CA ILE A 619 -31.96 -26.10 9.50
C ILE A 619 -30.71 -25.83 8.68
N ARG A 620 -29.71 -25.24 9.32
CA ARG A 620 -28.53 -24.73 8.62
C ARG A 620 -27.25 -25.53 8.90
N SER A 621 -26.72 -26.16 7.85
CA SER A 621 -25.46 -26.89 7.91
C SER A 621 -24.93 -27.15 6.50
N TYR A 622 -23.61 -27.14 6.36
CA TYR A 622 -22.94 -27.37 5.09
C TYR A 622 -22.22 -28.72 5.09
N PRO B 9 18.96 -14.91 28.06
CA PRO B 9 18.73 -13.57 27.54
C PRO B 9 19.62 -13.24 26.33
N ARG B 10 19.02 -12.62 25.30
CA ARG B 10 19.74 -12.24 24.07
C ARG B 10 19.40 -10.81 23.64
N ILE B 11 20.37 -9.91 23.83
CA ILE B 11 20.17 -8.47 23.65
C ILE B 11 20.68 -7.95 22.29
N LYS B 12 19.90 -7.08 21.65
CA LYS B 12 20.30 -6.45 20.38
C LYS B 12 20.17 -4.92 20.47
N LYS B 13 21.26 -4.23 20.14
CA LYS B 13 21.26 -2.77 20.13
C LYS B 13 20.54 -2.20 18.91
N PHE B 14 19.85 -1.08 19.10
CA PHE B 14 19.13 -0.39 18.02
C PHE B 14 19.44 1.11 18.00
N ALA B 15 20.24 1.53 17.01
CA ALA B 15 20.53 2.95 16.81
C ALA B 15 19.49 3.52 15.87
N ILE B 16 18.76 4.53 16.32
CA ILE B 16 17.65 5.09 15.54
C ILE B 16 17.68 6.62 15.46
N TYR B 17 17.41 7.13 14.26
CA TYR B 17 17.30 8.57 13.98
C TYR B 17 16.17 9.18 14.79
N ARG B 18 16.44 10.35 15.37
CA ARG B 18 15.45 11.02 16.23
C ARG B 18 15.38 12.51 15.96
N TRP B 19 14.16 13.03 15.93
CA TRP B 19 13.92 14.48 15.84
C TRP B 19 12.51 14.86 16.26
N ASP B 20 12.43 15.62 17.34
CA ASP B 20 11.19 16.15 17.86
C ASP B 20 11.04 17.60 17.37
N PRO B 21 10.05 17.86 16.49
CA PRO B 21 9.82 19.22 15.98
C PRO B 21 9.16 20.12 17.03
N ASP B 22 8.85 19.54 18.19
CA ASP B 22 8.14 20.25 19.25
C ASP B 22 9.02 20.63 20.46
N LYS B 23 10.27 20.17 20.47
CA LYS B 23 11.26 20.66 21.44
C LYS B 23 12.27 21.58 20.77
N THR B 24 12.29 22.84 21.20
CA THR B 24 13.16 23.86 20.61
C THR B 24 14.64 23.51 20.79
N GLY B 25 15.45 23.83 19.78
CA GLY B 25 16.88 23.59 19.83
C GLY B 25 17.26 22.21 19.33
N ASP B 26 16.62 21.19 19.92
CA ASP B 26 16.82 19.80 19.54
C ASP B 26 16.88 19.63 18.02
N LYS B 27 18.00 19.12 17.53
CA LYS B 27 18.17 18.81 16.11
C LYS B 27 18.60 17.34 15.90
N PRO B 28 18.61 16.84 14.65
CA PRO B 28 18.81 15.41 14.36
C PRO B 28 19.96 14.73 15.11
N HIS B 29 19.68 13.54 15.63
CA HIS B 29 20.66 12.69 16.30
C HIS B 29 20.11 11.27 16.40
N MET B 30 20.96 10.33 16.80
CA MET B 30 20.55 8.94 16.95
C MET B 30 20.31 8.59 18.42
N GLN B 31 19.33 7.72 18.67
CA GLN B 31 19.10 7.18 20.01
C GLN B 31 19.24 5.65 19.99
N THR B 32 19.91 5.12 21.01
CA THR B 32 20.21 3.70 21.08
C THR B 32 19.27 2.96 22.05
N TYR B 33 18.73 1.84 21.59
CA TYR B 33 17.82 1.01 22.40
C TYR B 33 18.33 -0.42 22.50
N GLU B 34 17.78 -1.18 23.44
CA GLU B 34 18.25 -2.56 23.70
C GLU B 34 17.10 -3.52 24.01
N ILE B 35 17.00 -4.57 23.20
CA ILE B 35 15.82 -5.44 23.17
C ILE B 35 16.14 -6.93 23.22
N ASP B 36 15.56 -7.62 24.20
CA ASP B 36 15.71 -9.07 24.34
C ASP B 36 14.90 -9.78 23.25
N LEU B 37 15.58 -10.62 22.46
CA LEU B 37 15.00 -11.20 21.24
C LEU B 37 14.05 -12.38 21.45
N ASN B 38 14.07 -12.97 22.65
CA ASN B 38 13.13 -14.03 23.00
C ASN B 38 11.74 -13.48 23.32
N ASN B 39 11.70 -12.19 23.64
CA ASN B 39 10.46 -11.47 23.90
C ASN B 39 9.96 -10.66 22.69
N CYS B 40 10.71 -10.72 21.59
CA CYS B 40 10.42 -9.89 20.42
C CYS B 40 10.17 -10.68 19.14
N GLY B 41 9.27 -10.15 18.31
CA GLY B 41 8.99 -10.72 17.00
C GLY B 41 10.17 -10.57 16.05
N PRO B 42 10.26 -11.46 15.03
CA PRO B 42 11.44 -11.57 14.18
C PRO B 42 11.76 -10.32 13.34
N MET B 43 10.72 -9.54 13.02
CA MET B 43 10.88 -8.35 12.16
C MET B 43 11.27 -7.08 12.92
N VAL B 44 11.91 -6.16 12.22
CA VAL B 44 12.39 -4.91 12.79
C VAL B 44 11.22 -4.03 13.25
N LEU B 45 10.08 -4.16 12.59
CA LEU B 45 8.88 -3.45 13.03
C LEU B 45 8.52 -3.93 14.42
N ASP B 46 8.43 -5.25 14.59
CA ASP B 46 8.16 -5.87 15.88
C ASP B 46 9.04 -5.21 16.95
N ALA B 47 10.31 -5.01 16.60
CA ALA B 47 11.25 -4.33 17.48
C ALA B 47 10.83 -2.89 17.75
N LEU B 48 10.62 -2.12 16.68
CA LEU B 48 10.18 -0.72 16.81
C LEU B 48 8.96 -0.62 17.72
N ILE B 49 7.88 -1.33 17.35
CA ILE B 49 6.64 -1.39 18.12
C ILE B 49 6.91 -1.75 19.59
N LYS B 50 7.80 -2.72 19.83
CA LYS B 50 8.13 -3.15 21.18
C LYS B 50 8.73 -2.04 22.04
N ILE B 51 9.71 -1.31 21.48
CA ILE B 51 10.36 -0.23 22.21
C ILE B 51 9.39 0.94 22.42
N LYS B 52 8.49 1.11 21.45
CA LYS B 52 7.45 2.13 21.51
C LYS B 52 6.48 1.85 22.67
N ASN B 53 6.18 0.58 22.89
CA ASN B 53 5.22 0.14 23.90
C ASN B 53 5.81 -0.16 25.27
N GLU B 54 7.14 -0.29 25.34
CA GLU B 54 7.79 -0.75 26.56
C GLU B 54 8.86 0.21 27.09
N ILE B 55 9.58 0.86 26.18
CA ILE B 55 10.72 1.70 26.56
C ILE B 55 10.39 3.19 26.44
N ASP B 56 10.30 3.69 25.21
CA ASP B 56 10.05 5.09 24.93
C ASP B 56 8.90 5.20 23.92
N SER B 57 7.90 6.01 24.24
CA SER B 57 6.74 6.19 23.35
C SER B 57 6.79 7.50 22.53
N THR B 58 7.91 8.21 22.60
CA THR B 58 8.16 9.35 21.72
C THR B 58 8.54 8.82 20.34
N LEU B 59 8.97 7.56 20.30
CA LEU B 59 9.35 6.93 19.04
C LEU B 59 8.15 6.92 18.09
N THR B 60 8.21 7.79 17.09
CA THR B 60 7.08 8.00 16.21
C THR B 60 7.41 7.47 14.82
N PHE B 61 6.49 6.68 14.26
CA PHE B 61 6.67 6.08 12.94
C PHE B 61 5.32 5.65 12.33
N ARG B 62 5.34 5.31 11.04
CA ARG B 62 4.13 4.89 10.33
C ARG B 62 4.01 3.37 10.25
N ARG B 63 2.81 2.85 10.44
CA ARG B 63 2.57 1.39 10.39
C ARG B 63 1.09 1.04 10.21
N SER B 64 0.83 -0.15 9.68
CA SER B 64 -0.54 -0.63 9.49
C SER B 64 -0.63 -2.16 9.40
N CYS B 65 -0.42 -2.71 8.20
CA CYS B 65 -0.73 -4.12 7.92
C CYS B 65 0.21 -5.12 8.61
N ARG B 66 1.40 -4.64 8.99
CA ARG B 66 2.48 -5.50 9.52
C ARG B 66 2.64 -6.82 8.73
N GLU B 67 2.44 -6.73 7.42
CA GLU B 67 2.40 -7.88 6.54
C GLU B 67 3.25 -7.59 5.30
N GLY B 68 3.70 -6.35 5.17
CA GLY B 68 4.51 -5.92 4.05
C GLY B 68 3.74 -5.75 2.76
N ILE B 69 2.50 -5.28 2.86
CA ILE B 69 1.66 -5.06 1.66
C ILE B 69 1.01 -3.67 1.59
N CYS B 70 1.11 -2.91 2.66
CA CYS B 70 0.52 -1.57 2.71
C CYS B 70 1.56 -0.46 2.46
N GLY B 71 2.81 -0.74 2.79
CA GLY B 71 3.91 0.18 2.49
C GLY B 71 4.02 1.34 3.45
N SER B 72 3.36 1.22 4.61
CA SER B 72 3.37 2.23 5.66
C SER B 72 4.74 2.38 6.34
N CYS B 73 5.34 1.24 6.69
CA CYS B 73 6.55 1.20 7.51
C CYS B 73 7.87 1.27 6.73
N ALA B 74 7.85 1.94 5.58
CA ALA B 74 9.05 2.08 4.75
C ALA B 74 10.06 2.91 5.50
N MET B 75 11.30 2.43 5.51
CA MET B 75 12.40 3.17 6.12
C MET B 75 13.74 2.59 5.67
N ASN B 76 14.81 3.35 5.91
CA ASN B 76 16.15 2.90 5.62
C ASN B 76 16.78 2.14 6.81
N ILE B 77 16.75 0.81 6.72
CA ILE B 77 17.34 -0.06 7.72
C ILE B 77 18.73 -0.47 7.25
N ASN B 78 19.75 -0.16 8.05
CA ASN B 78 21.14 -0.54 7.77
C ASN B 78 21.61 -0.22 6.36
N GLY B 79 21.30 1.00 5.89
CA GLY B 79 21.80 1.49 4.60
C GLY B 79 21.14 0.94 3.34
N GLY B 80 19.83 0.71 3.42
CA GLY B 80 19.04 0.23 2.29
C GLY B 80 17.57 0.40 2.62
N ASN B 81 16.77 0.74 1.61
CA ASN B 81 15.36 1.06 1.84
C ASN B 81 14.46 -0.16 1.70
N THR B 82 13.86 -0.60 2.82
CA THR B 82 12.88 -1.69 2.79
C THR B 82 11.68 -1.42 3.69
N LEU B 83 10.94 -2.48 3.99
CA LEU B 83 9.81 -2.43 4.89
C LEU B 83 10.19 -3.09 6.20
N ALA B 84 9.92 -2.39 7.31
CA ALA B 84 10.30 -2.84 8.66
C ALA B 84 9.64 -4.16 9.10
N CYS B 85 8.45 -4.41 8.56
CA CYS B 85 7.71 -5.65 8.84
C CYS B 85 8.08 -6.79 7.89
N THR B 86 8.97 -6.51 6.94
CA THR B 86 9.45 -7.52 6.00
C THR B 86 10.92 -7.85 6.24
N ARG B 87 11.69 -6.85 6.66
CA ARG B 87 13.08 -7.05 7.09
C ARG B 87 13.11 -7.74 8.44
N ARG B 88 13.94 -8.75 8.57
CA ARG B 88 14.13 -9.41 9.85
C ARG B 88 15.43 -8.94 10.51
N ILE B 89 15.40 -8.82 11.83
CA ILE B 89 16.57 -8.38 12.59
C ILE B 89 17.65 -9.45 12.47
N ASP B 90 18.87 -9.00 12.14
CA ASP B 90 20.01 -9.91 12.04
C ASP B 90 20.27 -10.47 13.43
N THR B 91 20.08 -11.78 13.58
CA THR B 91 20.26 -12.45 14.86
C THR B 91 21.64 -12.23 15.46
N ASN B 92 22.54 -11.66 14.64
CA ASN B 92 23.89 -11.28 15.06
C ASN B 92 23.92 -10.17 16.12
N LEU B 93 24.27 -10.56 17.34
CA LEU B 93 24.27 -9.64 18.48
C LEU B 93 25.55 -8.80 18.55
N ASP B 94 26.42 -9.00 17.56
CA ASP B 94 27.69 -8.28 17.49
C ASP B 94 27.62 -7.06 16.56
N LYS B 95 26.41 -6.76 16.08
CA LYS B 95 26.18 -5.56 15.28
C LYS B 95 25.08 -4.69 15.88
N VAL B 96 25.13 -3.41 15.56
CA VAL B 96 24.12 -2.45 16.00
C VAL B 96 23.28 -1.96 14.81
N SER B 97 21.99 -2.26 14.84
CA SER B 97 21.06 -1.89 13.77
C SER B 97 20.80 -0.39 13.67
N LYS B 98 21.21 0.18 12.55
CA LYS B 98 21.02 1.59 12.24
C LYS B 98 19.70 1.77 11.49
N ILE B 99 18.76 2.47 12.12
CA ILE B 99 17.45 2.72 11.53
C ILE B 99 17.30 4.19 11.16
N TYR B 100 17.00 4.42 9.87
CA TYR B 100 16.92 5.77 9.31
C TYR B 100 15.62 6.02 8.56
N PRO B 101 15.17 7.29 8.50
CA PRO B 101 14.04 7.67 7.65
C PRO B 101 14.40 7.53 6.20
N LEU B 102 13.40 7.30 5.35
CA LEU B 102 13.61 7.23 3.90
C LEU B 102 14.48 8.40 3.43
N PRO B 103 15.63 8.10 2.84
CA PRO B 103 16.70 9.02 2.50
C PRO B 103 16.29 10.24 1.69
N HIS B 104 16.90 11.38 2.04
CA HIS B 104 16.76 12.65 1.32
C HIS B 104 15.30 13.05 1.15
N MET B 105 14.61 13.18 2.28
CA MET B 105 13.24 13.64 2.33
C MET B 105 13.11 14.51 3.57
N TYR B 106 12.08 15.35 3.61
CA TYR B 106 11.92 16.25 4.76
C TYR B 106 11.40 15.47 5.96
N VAL B 107 12.15 15.53 7.06
CA VAL B 107 11.77 14.80 8.26
C VAL B 107 10.69 15.59 9.02
N ILE B 108 9.49 15.02 9.08
CA ILE B 108 8.38 15.64 9.78
C ILE B 108 8.56 15.48 11.28
N LYS B 109 8.87 14.25 11.69
CA LYS B 109 9.22 13.89 13.06
C LYS B 109 9.77 12.47 13.03
N ASP B 110 10.97 12.30 13.60
CA ASP B 110 11.64 10.99 13.65
C ASP B 110 11.64 10.29 12.29
N LEU B 111 11.12 9.07 12.24
CA LEU B 111 11.17 8.26 11.03
C LEU B 111 10.00 8.53 10.07
N VAL B 112 9.39 9.71 10.18
CA VAL B 112 8.22 10.04 9.36
C VAL B 112 8.53 11.13 8.34
N PRO B 113 8.61 10.75 7.05
CA PRO B 113 8.92 11.62 5.92
C PRO B 113 7.70 12.28 5.29
N ASP B 114 7.91 13.43 4.66
CA ASP B 114 6.84 14.14 3.93
C ASP B 114 6.74 13.62 2.50
N LEU B 115 5.76 12.77 2.28
CA LEU B 115 5.61 12.08 1.00
C LEU B 115 4.67 12.80 0.05
N SER B 116 4.10 13.93 0.50
CA SER B 116 3.07 14.63 -0.28
C SER B 116 3.49 14.96 -1.72
N ASN B 117 4.77 15.31 -1.91
CA ASN B 117 5.31 15.50 -3.26
C ASN B 117 5.29 14.19 -4.02
N PHE B 118 5.81 13.14 -3.39
CA PHE B 118 5.80 11.79 -3.95
C PHE B 118 4.42 11.46 -4.52
N TYR B 119 3.38 11.70 -3.72
CA TYR B 119 2.00 11.44 -4.11
C TYR B 119 1.53 12.35 -5.23
N ALA B 120 1.84 13.63 -5.10
CA ALA B 120 1.43 14.64 -6.07
C ALA B 120 1.97 14.25 -7.43
N GLN B 121 3.18 13.72 -7.45
CA GLN B 121 3.79 13.22 -8.68
C GLN B 121 3.00 12.06 -9.25
N TYR B 122 2.53 11.18 -8.38
CA TYR B 122 1.68 10.05 -8.80
C TYR B 122 0.41 10.54 -9.48
N LYS B 123 -0.18 11.59 -8.92
CA LYS B 123 -1.38 12.22 -9.46
C LYS B 123 -1.20 12.74 -10.88
N SER B 124 -0.02 13.29 -11.17
CA SER B 124 0.25 13.97 -12.45
C SER B 124 0.42 13.05 -13.64
N ILE B 125 0.53 11.75 -13.39
CA ILE B 125 0.66 10.77 -14.47
C ILE B 125 -0.68 10.13 -14.81
N GLU B 126 -1.71 10.54 -14.07
CA GLU B 126 -3.09 10.05 -14.24
C GLU B 126 -3.23 8.51 -14.25
N PRO B 127 -3.06 7.89 -13.06
CA PRO B 127 -3.13 6.43 -12.94
C PRO B 127 -4.55 5.90 -12.91
N TYR B 128 -5.22 5.98 -14.05
CA TYR B 128 -6.55 5.39 -14.21
C TYR B 128 -6.79 5.09 -15.68
N LEU B 129 -7.69 4.15 -15.97
CA LEU B 129 -7.96 3.80 -17.35
C LEU B 129 -8.59 5.00 -18.05
N LYS B 130 -8.20 5.20 -19.29
CA LYS B 130 -8.71 6.31 -20.09
C LYS B 130 -9.20 5.81 -21.45
N LYS B 131 -10.51 5.83 -21.61
CA LYS B 131 -11.11 5.42 -22.87
C LYS B 131 -11.48 6.65 -23.70
N LYS B 132 -11.28 6.53 -25.02
CA LYS B 132 -11.68 7.58 -25.97
C LYS B 132 -13.20 7.66 -26.04
N ASP B 133 -13.86 6.66 -25.45
CA ASP B 133 -15.31 6.61 -25.42
C ASP B 133 -15.85 6.19 -24.04
N GLU B 134 -15.73 7.08 -23.06
CA GLU B 134 -16.27 6.86 -21.71
C GLU B 134 -17.80 6.76 -21.65
N SER B 135 -18.45 6.79 -22.81
CA SER B 135 -19.91 6.87 -22.89
C SER B 135 -20.60 5.52 -22.68
N GLN B 136 -19.83 4.43 -22.70
CA GLN B 136 -20.39 3.08 -22.58
C GLN B 136 -19.92 2.35 -21.32
N GLU B 137 -19.23 3.06 -20.44
CA GLU B 137 -18.57 2.42 -19.30
C GLU B 137 -19.56 1.99 -18.22
N GLY B 138 -19.13 1.02 -17.41
CA GLY B 138 -19.90 0.50 -16.29
C GLY B 138 -21.03 -0.45 -16.66
N LYS B 139 -21.21 -0.73 -17.95
CA LYS B 139 -22.27 -1.64 -18.38
C LYS B 139 -21.78 -2.96 -18.99
N GLN B 140 -20.60 -2.95 -19.59
CA GLN B 140 -20.02 -4.18 -20.11
C GLN B 140 -18.59 -4.33 -19.65
N GLN B 141 -18.26 -5.49 -19.10
CA GLN B 141 -16.86 -5.82 -18.78
C GLN B 141 -15.99 -5.75 -20.05
N TYR B 142 -14.89 -5.01 -19.97
CA TYR B 142 -13.95 -4.86 -21.08
C TYR B 142 -13.18 -6.16 -21.30
N LEU B 143 -13.01 -6.53 -22.57
CA LEU B 143 -12.28 -7.75 -22.91
C LEU B 143 -10.78 -7.52 -22.95
N GLN B 144 -10.05 -8.42 -22.28
CA GLN B 144 -8.59 -8.42 -22.26
C GLN B 144 -8.10 -9.86 -22.14
N SER B 145 -7.32 -10.32 -23.11
CA SER B 145 -6.84 -11.71 -23.15
C SER B 145 -5.77 -11.96 -22.10
N ILE B 146 -5.73 -13.17 -21.55
CA ILE B 146 -4.78 -13.52 -20.48
C ILE B 146 -3.34 -13.14 -20.81
N GLU B 147 -3.00 -13.17 -22.11
CA GLU B 147 -1.70 -12.75 -22.62
C GLU B 147 -1.49 -11.25 -22.40
N GLU B 148 -2.47 -10.45 -22.84
CA GLU B 148 -2.44 -8.99 -22.64
C GLU B 148 -2.39 -8.64 -21.16
N ARG B 149 -2.92 -9.56 -20.35
CA ARG B 149 -3.00 -9.39 -18.90
C ARG B 149 -1.66 -9.66 -18.22
N GLU B 150 -0.86 -10.56 -18.81
CA GLU B 150 0.46 -10.92 -18.27
C GLU B 150 1.45 -9.77 -18.29
N LYS B 151 1.22 -8.82 -19.21
CA LYS B 151 2.06 -7.65 -19.36
C LYS B 151 2.00 -6.73 -18.15
N LEU B 152 0.99 -6.93 -17.32
CA LEU B 152 0.80 -6.14 -16.11
C LEU B 152 1.47 -6.76 -14.90
N ASP B 153 1.66 -8.08 -14.95
CA ASP B 153 2.37 -8.77 -13.89
C ASP B 153 3.73 -8.14 -13.69
N GLY B 154 4.13 -7.99 -12.44
CA GLY B 154 5.38 -7.32 -12.13
C GLY B 154 5.27 -5.81 -12.13
N LEU B 155 4.13 -5.28 -12.60
CA LEU B 155 3.88 -3.83 -12.58
C LEU B 155 2.79 -3.42 -11.59
N TYR B 156 1.63 -4.06 -11.68
CA TYR B 156 0.46 -3.71 -10.84
C TYR B 156 0.63 -3.97 -9.35
N GLU B 157 1.69 -4.70 -8.97
CA GLU B 157 1.89 -5.11 -7.58
C GLU B 157 2.53 -4.02 -6.71
N CYS B 158 2.82 -2.87 -7.31
CA CYS B 158 3.45 -1.78 -6.57
C CYS B 158 2.56 -1.28 -5.46
N ILE B 159 3.20 -0.99 -4.34
CA ILE B 159 2.55 -0.69 -3.08
C ILE B 159 2.67 0.82 -2.81
N LEU B 160 3.49 1.47 -3.62
CA LEU B 160 3.94 2.85 -3.37
C LEU B 160 4.64 2.96 -2.02
N CYS B 161 5.81 2.34 -1.92
CA CYS B 161 6.65 2.41 -0.73
C CYS B 161 7.25 3.77 -0.62
N ALA B 162 7.88 4.19 -1.72
CA ALA B 162 8.85 5.27 -1.75
C ALA B 162 10.24 4.83 -1.26
N CYS B 163 10.41 3.52 -1.08
CA CYS B 163 11.75 2.91 -0.92
C CYS B 163 12.48 3.17 -2.21
N CYS B 164 11.80 2.77 -3.28
CA CYS B 164 12.14 2.99 -4.67
C CYS B 164 12.86 4.29 -4.98
N SER B 165 12.06 5.33 -5.18
CA SER B 165 12.52 6.62 -5.68
C SER B 165 13.41 7.30 -4.67
N THR B 166 13.24 6.95 -3.41
CA THR B 166 14.02 7.57 -2.34
C THR B 166 15.37 6.85 -2.15
N SER B 167 15.68 5.99 -3.12
CA SER B 167 17.00 5.37 -3.24
C SER B 167 17.68 5.88 -4.50
N CYS B 168 16.90 6.43 -5.43
CA CYS B 168 17.44 7.00 -6.66
C CYS B 168 18.12 8.33 -6.39
N PRO B 169 19.42 8.41 -6.70
CA PRO B 169 20.20 9.61 -6.45
C PRO B 169 19.79 10.78 -7.36
N SER B 170 19.19 10.48 -8.51
CA SER B 170 18.58 11.53 -9.33
C SER B 170 17.38 12.14 -8.60
N TYR B 171 16.57 11.28 -7.98
CA TYR B 171 15.44 11.71 -7.17
C TYR B 171 15.90 12.45 -5.90
N TRP B 172 17.16 12.26 -5.51
CA TRP B 172 17.72 13.02 -4.39
C TRP B 172 17.94 14.47 -4.81
N TRP B 173 18.65 14.66 -5.91
CA TRP B 173 19.02 15.98 -6.41
C TRP B 173 17.89 16.68 -7.20
N ASN B 174 17.00 15.91 -7.82
CA ASN B 174 15.99 16.47 -8.72
C ASN B 174 14.58 16.01 -8.43
N GLY B 175 14.33 15.63 -7.18
CA GLY B 175 13.05 15.09 -6.77
C GLY B 175 11.84 15.94 -7.12
N ASP B 176 12.06 17.25 -7.24
CA ASP B 176 10.98 18.19 -7.55
C ASP B 176 10.48 18.07 -8.99
N LYS B 177 11.40 17.84 -9.93
CA LYS B 177 11.10 17.84 -11.37
C LYS B 177 11.24 16.48 -12.04
N TYR B 178 11.90 15.55 -11.36
CA TYR B 178 12.06 14.19 -11.85
C TYR B 178 11.14 13.26 -11.10
N LEU B 179 10.25 12.59 -11.82
CA LEU B 179 9.21 11.76 -11.20
C LEU B 179 9.73 10.57 -10.36
N GLY B 180 10.88 10.01 -10.74
CA GLY B 180 11.43 8.89 -10.01
C GLY B 180 10.69 7.57 -10.26
N PRO B 181 11.41 6.44 -10.11
CA PRO B 181 11.06 5.10 -10.60
C PRO B 181 9.67 4.60 -10.22
N ALA B 182 9.29 4.74 -8.94
CA ALA B 182 7.96 4.32 -8.48
C ALA B 182 6.90 4.83 -9.45
N VAL B 183 6.72 6.15 -9.42
CA VAL B 183 5.76 6.86 -10.23
C VAL B 183 5.88 6.49 -11.69
N LEU B 184 7.11 6.40 -12.20
CA LEU B 184 7.34 6.14 -13.62
C LEU B 184 6.81 4.78 -14.02
N MET B 185 7.16 3.76 -13.24
CA MET B 185 6.74 2.40 -13.50
C MET B 185 5.22 2.31 -13.62
N GLN B 186 4.52 3.12 -12.84
CA GLN B 186 3.06 3.12 -12.90
C GLN B 186 2.56 3.73 -14.19
N ALA B 187 3.24 4.74 -14.69
CA ALA B 187 2.87 5.32 -15.98
C ALA B 187 3.06 4.26 -17.07
N TYR B 188 4.15 3.50 -16.96
CA TYR B 188 4.36 2.35 -17.80
C TYR B 188 3.19 1.36 -17.66
N ARG B 189 2.86 1.02 -16.42
CA ARG B 189 1.72 0.15 -16.10
C ARG B 189 0.44 0.49 -16.87
N TRP B 190 0.29 1.77 -17.26
CA TRP B 190 -0.92 2.23 -17.96
C TRP B 190 -0.72 2.36 -19.46
N MET B 191 0.53 2.33 -19.89
CA MET B 191 0.84 2.33 -21.30
C MET B 191 0.55 0.94 -21.85
N ILE B 192 1.01 -0.10 -21.14
CA ILE B 192 0.84 -1.47 -21.63
C ILE B 192 -0.48 -2.14 -21.19
N ASP B 193 -1.32 -1.39 -20.49
CA ASP B 193 -2.66 -1.88 -20.24
C ASP B 193 -3.43 -1.77 -21.55
N SER B 194 -3.70 -2.93 -22.15
CA SER B 194 -4.30 -3.02 -23.49
C SER B 194 -5.67 -2.37 -23.59
N ARG B 195 -6.28 -2.08 -22.43
CA ARG B 195 -7.60 -1.47 -22.38
C ARG B 195 -7.54 0.06 -22.46
N ASP B 196 -6.32 0.61 -22.38
CA ASP B 196 -6.10 2.06 -22.30
C ASP B 196 -5.88 2.71 -23.67
N ASP B 197 -6.74 3.68 -24.00
CA ASP B 197 -6.75 4.32 -25.30
C ASP B 197 -5.81 5.52 -25.37
N PHE B 198 -5.19 5.86 -24.23
CA PHE B 198 -4.36 7.05 -24.15
C PHE B 198 -2.85 6.78 -24.14
N THR B 199 -2.46 5.63 -24.69
CA THR B 199 -1.07 5.15 -24.71
C THR B 199 -0.04 6.16 -25.30
N GLU B 200 -0.47 6.99 -26.23
CA GLU B 200 0.44 7.92 -26.90
C GLU B 200 0.65 9.25 -26.16
N GLU B 201 -0.43 9.92 -25.80
CA GLU B 201 -0.34 11.19 -25.06
C GLU B 201 0.22 11.02 -23.65
N ARG B 202 0.26 9.76 -23.19
CA ARG B 202 0.92 9.43 -21.93
C ARG B 202 2.43 9.54 -22.04
N LEU B 203 2.95 9.38 -23.26
CA LEU B 203 4.38 9.51 -23.51
C LEU B 203 4.78 10.96 -23.76
N ALA B 204 3.87 11.71 -24.39
CA ALA B 204 4.08 13.12 -24.66
C ALA B 204 4.28 13.94 -23.38
N LYS B 205 3.68 13.48 -22.28
CA LYS B 205 3.82 14.12 -20.97
C LYS B 205 5.24 14.02 -20.40
N LEU B 206 6.07 13.14 -20.97
CA LEU B 206 7.44 12.91 -20.51
C LEU B 206 8.50 13.52 -21.43
N GLN B 207 8.05 14.28 -22.42
CA GLN B 207 8.94 14.89 -23.40
C GLN B 207 9.53 16.18 -22.85
N ASP B 208 10.41 16.03 -21.86
CA ASP B 208 11.21 17.13 -21.34
C ASP B 208 12.39 16.53 -20.56
N PRO B 209 13.42 17.33 -20.29
CA PRO B 209 14.67 16.84 -19.70
C PRO B 209 14.56 16.13 -18.34
N PHE B 210 13.56 16.48 -17.52
CA PHE B 210 13.51 15.99 -16.14
C PHE B 210 12.53 14.85 -15.82
N SER B 211 11.34 14.90 -16.41
CA SER B 211 10.25 13.97 -16.08
C SER B 211 10.71 12.52 -16.03
N LEU B 212 11.32 12.09 -17.13
CA LEU B 212 11.78 10.73 -17.28
C LEU B 212 13.29 10.68 -17.44
N TYR B 213 13.86 11.73 -18.04
CA TYR B 213 15.23 11.67 -18.54
C TYR B 213 16.36 11.93 -17.55
N ARG B 214 16.04 12.14 -16.28
CA ARG B 214 17.06 12.18 -15.24
C ARG B 214 17.56 10.79 -14.86
N CYS B 215 16.82 9.76 -15.29
CA CYS B 215 17.26 8.40 -15.06
C CYS B 215 18.55 8.13 -15.83
N HIS B 216 19.48 7.43 -15.18
CA HIS B 216 20.73 7.04 -15.82
C HIS B 216 21.03 5.56 -15.60
N THR B 217 19.97 4.78 -15.36
CA THR B 217 20.07 3.37 -14.96
C THR B 217 21.19 3.10 -13.94
N ILE B 218 21.08 3.79 -12.82
CA ILE B 218 21.90 3.57 -11.63
C ILE B 218 21.49 2.24 -10.97
N MET B 219 20.19 1.90 -11.10
CA MET B 219 19.64 0.63 -10.65
C MET B 219 19.59 0.45 -9.13
N ASN B 220 19.56 1.55 -8.38
CA ASN B 220 19.35 1.47 -6.94
C ASN B 220 17.91 1.15 -6.58
N CYS B 221 16.99 1.50 -7.47
CA CYS B 221 15.56 1.26 -7.27
C CYS B 221 15.24 -0.24 -7.27
N THR B 222 15.47 -0.89 -8.40
CA THR B 222 15.24 -2.33 -8.51
C THR B 222 15.96 -3.10 -7.40
N GLY B 223 17.21 -2.74 -7.15
CA GLY B 223 17.98 -3.32 -6.06
C GLY B 223 17.32 -3.19 -4.70
N THR B 224 16.64 -2.06 -4.46
CA THR B 224 16.12 -1.78 -3.13
C THR B 224 14.67 -2.21 -2.90
N CYS B 225 13.98 -2.60 -3.99
CA CYS B 225 12.55 -2.89 -3.90
C CYS B 225 12.21 -4.00 -2.94
N PRO B 226 11.36 -3.69 -1.95
CA PRO B 226 10.97 -4.65 -0.92
C PRO B 226 10.11 -5.78 -1.47
N LYS B 227 9.50 -5.56 -2.63
CA LYS B 227 8.57 -6.51 -3.23
C LYS B 227 9.19 -7.26 -4.39
N GLY B 228 10.48 -7.06 -4.63
CA GLY B 228 11.18 -7.68 -5.74
C GLY B 228 10.79 -7.20 -7.13
N LEU B 229 10.20 -6.01 -7.21
CA LEU B 229 9.80 -5.42 -8.49
C LEU B 229 10.96 -4.74 -9.20
N ASN B 230 10.77 -4.44 -10.47
CA ASN B 230 11.85 -3.92 -11.32
C ASN B 230 11.51 -2.60 -12.02
N PRO B 231 11.48 -1.48 -11.26
CA PRO B 231 11.08 -0.21 -11.87
C PRO B 231 12.09 0.24 -12.95
N GLY B 232 13.37 0.03 -12.67
CA GLY B 232 14.44 0.41 -13.60
C GLY B 232 14.25 -0.18 -14.97
N LYS B 233 13.94 -1.48 -15.02
CA LYS B 233 13.69 -2.18 -16.28
C LYS B 233 12.48 -1.59 -16.99
N ALA B 234 11.41 -1.37 -16.23
CA ALA B 234 10.19 -0.82 -16.77
C ALA B 234 10.45 0.57 -17.35
N ILE B 235 11.31 1.33 -16.67
CA ILE B 235 11.74 2.64 -17.14
C ILE B 235 12.41 2.52 -18.51
N ALA B 236 13.30 1.54 -18.66
CA ALA B 236 14.03 1.34 -19.91
C ALA B 236 13.07 1.12 -21.07
N GLU B 237 11.94 0.48 -20.77
CA GLU B 237 10.95 0.19 -21.79
C GLU B 237 10.26 1.50 -22.20
N ILE B 238 10.00 2.36 -21.23
CA ILE B 238 9.46 3.69 -21.49
C ILE B 238 10.41 4.43 -22.41
N LYS B 239 11.69 4.45 -22.04
CA LYS B 239 12.71 5.14 -22.78
C LYS B 239 12.71 4.64 -24.22
N LYS B 240 12.61 3.33 -24.40
CA LYS B 240 12.52 2.72 -25.74
C LYS B 240 11.28 3.22 -26.45
N MET B 241 10.13 3.11 -25.78
CA MET B 241 8.86 3.54 -26.36
C MET B 241 8.91 4.99 -26.81
N MET B 242 9.46 5.84 -25.95
CA MET B 242 9.65 7.27 -26.24
C MET B 242 10.43 7.51 -27.52
N ALA B 243 11.35 6.60 -27.85
CA ALA B 243 12.17 6.74 -29.05
C ALA B 243 11.57 6.07 -30.29
N THR B 244 10.52 5.29 -30.09
CA THR B 244 9.97 4.45 -31.15
C THR B 244 8.52 4.78 -31.52
N TYR B 245 7.77 5.34 -30.57
CA TYR B 245 6.34 5.62 -30.77
C TYR B 245 6.07 6.61 -31.90
N LYS B 246 5.06 6.30 -32.71
CA LYS B 246 4.74 7.07 -33.90
C LYS B 246 3.94 8.35 -33.58
N GLU B 247 4.04 9.33 -34.48
CA GLU B 247 3.35 10.63 -34.37
C GLU B 247 3.73 11.40 -33.10
N THR C 3 -8.18 20.89 -5.99
CA THR C 3 -6.69 20.91 -5.88
C THR C 3 -5.98 20.01 -6.92
N THR C 4 -5.22 20.63 -7.82
CA THR C 4 -4.51 19.89 -8.86
C THR C 4 -3.14 19.45 -8.37
N ALA C 5 -2.55 18.46 -9.06
CA ALA C 5 -1.26 17.88 -8.68
C ALA C 5 -0.13 18.91 -8.66
N LYS C 6 -0.21 19.86 -9.59
CA LYS C 6 0.75 20.96 -9.70
C LYS C 6 0.65 21.89 -8.50
N GLU C 7 -0.57 22.06 -7.99
CA GLU C 7 -0.84 22.90 -6.82
C GLU C 7 -0.37 22.22 -5.53
N GLU C 8 -0.49 20.88 -5.48
CA GLU C 8 -0.03 20.09 -4.35
C GLU C 8 1.48 20.21 -4.17
N MET C 9 2.20 20.21 -5.30
CA MET C 9 3.65 20.33 -5.30
C MET C 9 4.11 21.70 -4.81
N GLU C 10 3.52 22.75 -5.38
CA GLU C 10 3.75 24.13 -4.95
C GLU C 10 3.59 24.29 -3.43
N ARG C 11 2.49 23.76 -2.90
CA ARG C 11 2.26 23.72 -1.45
C ARG C 11 3.41 23.01 -0.75
N PHE C 12 3.71 21.79 -1.19
CA PHE C 12 4.78 20.98 -0.59
C PHE C 12 6.05 21.76 -0.34
N TRP C 13 6.55 22.43 -1.37
CA TRP C 13 7.79 23.19 -1.28
C TRP C 13 7.70 24.41 -0.37
N ASN C 14 6.67 25.23 -0.56
CA ASN C 14 6.45 26.42 0.27
C ASN C 14 6.28 26.07 1.74
N LYS C 15 5.75 24.88 2.02
CA LYS C 15 5.55 24.41 3.40
C LYS C 15 6.89 24.00 4.01
N ASN C 16 7.67 23.23 3.27
CA ASN C 16 8.91 22.67 3.78
C ASN C 16 10.10 23.62 3.78
N LEU C 17 10.27 24.37 2.68
CA LEU C 17 11.38 25.32 2.58
C LEU C 17 11.18 26.52 3.52
N GLY C 18 9.95 26.73 3.97
CA GLY C 18 9.66 27.72 4.99
C GLY C 18 9.40 27.07 6.34
N SER C 19 10.11 25.98 6.60
CA SER C 19 10.00 25.23 7.87
C SER C 19 11.37 24.90 8.48
N ASN C 20 11.34 24.46 9.72
CA ASN C 20 12.55 24.07 10.45
C ASN C 20 12.88 22.58 10.32
N ARG C 21 12.31 21.94 9.29
CA ARG C 21 12.51 20.51 9.07
C ARG C 21 13.89 20.21 8.47
N PRO C 22 14.54 19.11 8.90
CA PRO C 22 15.81 18.64 8.32
C PRO C 22 15.66 17.65 7.15
N LEU C 23 16.77 17.34 6.48
CA LEU C 23 16.77 16.37 5.39
C LEU C 23 17.36 15.02 5.79
N SER C 24 16.53 13.98 5.82
CA SER C 24 16.98 12.63 6.20
C SER C 24 18.22 12.24 5.40
N PRO C 25 19.32 11.89 6.11
CA PRO C 25 20.62 11.57 5.51
C PRO C 25 20.53 10.64 4.30
N HIS C 26 21.38 10.89 3.29
CA HIS C 26 21.37 10.14 2.03
C HIS C 26 22.65 9.33 1.78
N ILE C 27 23.67 9.94 1.16
CA ILE C 27 24.94 9.25 0.89
C ILE C 27 25.66 8.82 2.18
N THR C 28 25.54 9.65 3.21
CA THR C 28 26.16 9.45 4.51
C THR C 28 25.77 8.12 5.17
N ILE C 29 24.64 7.56 4.74
CA ILE C 29 24.06 6.38 5.38
C ILE C 29 23.65 5.27 4.41
N TYR C 30 23.41 5.63 3.15
CA TYR C 30 22.99 4.65 2.15
C TYR C 30 24.17 3.78 1.75
N ARG C 31 24.10 2.48 2.07
CA ARG C 31 25.23 1.57 1.84
C ARG C 31 25.44 1.27 0.35
N TRP C 32 26.71 1.13 0.00
CA TRP C 32 27.16 1.14 -1.38
C TRP C 32 27.12 -0.21 -2.07
N SER C 33 26.43 -0.24 -3.20
CA SER C 33 26.34 -1.42 -4.05
C SER C 33 27.26 -1.24 -5.25
N LEU C 34 27.81 -2.35 -5.75
CA LEU C 34 28.73 -2.32 -6.90
C LEU C 34 28.21 -1.55 -8.12
N PRO C 35 26.93 -1.79 -8.51
CA PRO C 35 26.30 -0.97 -9.54
C PRO C 35 26.39 0.53 -9.28
N MET C 36 26.05 0.96 -8.06
CA MET C 36 26.03 2.38 -7.71
C MET C 36 27.41 3.02 -7.78
N ALA C 37 28.42 2.29 -7.34
CA ALA C 37 29.79 2.75 -7.44
C ALA C 37 30.22 2.75 -8.90
N MET C 38 29.71 1.80 -9.67
CA MET C 38 30.06 1.71 -11.08
C MET C 38 29.41 2.78 -11.94
N SER C 39 28.42 3.47 -11.39
CA SER C 39 27.85 4.62 -12.07
C SER C 39 28.64 5.90 -11.79
N ILE C 40 29.06 6.09 -10.55
CA ILE C 40 29.90 7.25 -10.18
C ILE C 40 31.16 7.26 -11.03
N CYS C 41 31.73 6.07 -11.24
CA CYS C 41 32.95 5.89 -11.99
C CYS C 41 32.76 6.24 -13.45
N HIS C 42 31.60 5.91 -13.98
CA HIS C 42 31.29 6.28 -15.35
C HIS C 42 31.34 7.81 -15.49
N ARG C 43 30.71 8.51 -14.55
CA ARG C 43 30.78 9.97 -14.49
C ARG C 43 32.18 10.47 -14.19
N GLY C 44 32.84 9.86 -13.21
CA GLY C 44 34.22 10.20 -12.88
C GLY C 44 35.07 10.18 -14.13
N THR C 45 35.05 9.04 -14.82
CA THR C 45 35.85 8.83 -16.03
C THR C 45 35.37 9.69 -17.18
N GLY C 46 34.07 9.69 -17.42
CA GLY C 46 33.46 10.52 -18.46
C GLY C 46 33.85 11.99 -18.43
N ILE C 47 33.84 12.56 -17.22
CA ILE C 47 34.24 13.95 -17.01
C ILE C 47 35.73 14.14 -17.30
N ALA C 48 36.56 13.28 -16.72
CA ALA C 48 38.01 13.37 -16.88
C ALA C 48 38.44 13.25 -18.33
N LEU C 49 37.81 12.32 -19.05
CA LEU C 49 38.10 12.10 -20.47
C LEU C 49 37.79 13.32 -21.33
N SER C 50 36.64 13.93 -21.09
CA SER C 50 36.25 15.17 -21.77
C SER C 50 37.18 16.32 -21.41
N ALA C 51 37.60 16.35 -20.15
CA ALA C 51 38.57 17.34 -19.68
C ALA C 51 39.92 17.17 -20.39
N GLY C 52 40.32 15.91 -20.58
CA GLY C 52 41.57 15.60 -21.27
C GLY C 52 41.53 16.09 -22.70
N VAL C 53 40.51 15.62 -23.44
CA VAL C 53 40.28 16.02 -24.83
C VAL C 53 40.28 17.54 -24.98
N SER C 54 39.52 18.23 -24.14
CA SER C 54 39.46 19.69 -24.14
C SER C 54 40.83 20.33 -23.89
N LEU C 55 41.60 19.74 -22.97
CA LEU C 55 42.93 20.24 -22.68
C LEU C 55 43.93 19.90 -23.79
N PHE C 56 43.50 19.09 -24.74
CA PHE C 56 44.32 18.78 -25.91
C PHE C 56 43.99 19.71 -27.07
N GLY C 57 42.70 19.97 -27.27
CA GLY C 57 42.26 20.88 -28.32
C GLY C 57 42.58 22.34 -28.04
N LEU C 58 42.48 22.74 -26.77
CA LEU C 58 42.73 24.13 -26.36
C LEU C 58 44.19 24.49 -26.43
N SER C 59 45.04 23.58 -25.93
CA SER C 59 46.49 23.74 -25.99
C SER C 59 47.01 23.72 -27.44
N ALA C 60 46.22 23.12 -28.35
CA ALA C 60 46.50 23.15 -29.78
C ALA C 60 46.13 24.50 -30.39
N LEU C 61 45.54 25.39 -29.60
CA LEU C 61 45.15 26.72 -30.05
C LEU C 61 45.88 27.85 -29.34
N LEU C 62 46.22 27.65 -28.08
CA LEU C 62 46.78 28.74 -27.27
C LEU C 62 48.30 28.68 -27.08
N LEU C 63 48.86 27.47 -27.07
CA LEU C 63 50.26 27.26 -26.66
C LEU C 63 51.27 27.25 -27.83
N PRO C 64 52.55 27.57 -27.54
CA PRO C 64 53.59 27.60 -28.56
C PRO C 64 54.00 26.21 -29.05
N GLY C 65 54.70 26.17 -30.18
CA GLY C 65 55.32 24.95 -30.71
C GLY C 65 54.35 23.92 -31.25
N ASN C 66 54.86 23.02 -32.09
CA ASN C 66 54.05 21.93 -32.63
C ASN C 66 54.15 20.67 -31.76
N PHE C 67 53.43 19.62 -32.14
CA PHE C 67 53.38 18.38 -31.35
C PHE C 67 54.74 17.71 -31.21
N GLU C 68 55.48 17.62 -32.32
CA GLU C 68 56.82 17.04 -32.31
C GLU C 68 57.72 17.83 -31.39
N SER C 69 57.49 19.14 -31.35
CA SER C 69 58.18 20.07 -30.47
C SER C 69 57.82 19.86 -29.00
N HIS C 70 56.71 19.14 -28.76
CA HIS C 70 56.29 18.84 -27.39
C HIS C 70 56.78 17.48 -26.88
N LEU C 71 56.82 16.49 -27.76
CA LEU C 71 57.31 15.16 -27.41
C LEU C 71 58.79 15.19 -27.04
N GLU C 72 59.57 15.92 -27.83
CA GLU C 72 60.98 16.13 -27.53
C GLU C 72 61.12 16.91 -26.22
N LEU C 73 60.13 17.77 -25.94
CA LEU C 73 60.08 18.52 -24.69
C LEU C 73 59.69 17.63 -23.51
N VAL C 74 58.85 16.63 -23.77
CA VAL C 74 58.39 15.67 -22.75
C VAL C 74 59.58 14.91 -22.14
N LYS C 75 60.57 14.60 -22.97
CA LYS C 75 61.79 13.93 -22.51
C LYS C 75 62.64 14.83 -21.62
N SER C 76 62.07 15.19 -20.46
CA SER C 76 62.71 16.06 -19.48
C SER C 76 63.51 15.24 -18.48
N LEU C 77 62.80 14.44 -17.68
CA LEU C 77 63.41 13.37 -16.89
C LEU C 77 63.32 12.10 -17.74
N CYS C 78 62.63 12.27 -18.87
CA CYS C 78 62.60 11.34 -20.02
C CYS C 78 62.15 9.88 -19.79
N LEU C 79 62.42 9.05 -20.79
CA LEU C 79 61.99 7.65 -20.84
C LEU C 79 62.53 6.82 -19.67
N GLY C 80 61.69 6.60 -18.66
CA GLY C 80 62.06 5.74 -17.53
C GLY C 80 61.11 4.56 -17.41
N PRO C 81 61.17 3.63 -18.40
CA PRO C 81 60.19 2.57 -18.68
C PRO C 81 59.09 2.37 -17.63
N THR C 82 59.46 1.92 -16.43
CA THR C 82 58.49 1.68 -15.35
C THR C 82 58.10 3.00 -14.66
N LEU C 83 57.75 3.99 -15.47
CA LEU C 83 57.15 5.24 -15.02
C LEU C 83 56.42 5.88 -16.21
N ILE C 84 57.05 5.82 -17.37
CA ILE C 84 56.42 6.27 -18.63
C ILE C 84 55.43 5.22 -19.14
N TYR C 85 55.53 4.00 -18.61
CA TYR C 85 54.49 2.99 -18.77
C TYR C 85 53.35 3.28 -17.78
N THR C 86 53.73 3.63 -16.55
CA THR C 86 52.78 3.92 -15.47
C THR C 86 51.93 5.16 -15.77
N ALA C 87 52.56 6.20 -16.32
CA ALA C 87 51.84 7.40 -16.77
C ALA C 87 50.93 7.08 -17.96
N LYS C 88 51.37 6.14 -18.79
CA LYS C 88 50.61 5.71 -19.96
C LYS C 88 49.38 4.88 -19.57
N PHE C 89 49.57 3.92 -18.66
CA PHE C 89 48.49 3.08 -18.15
C PHE C 89 47.34 3.94 -17.64
N GLY C 90 47.64 4.82 -16.69
CA GLY C 90 46.63 5.68 -16.06
C GLY C 90 45.95 6.70 -16.95
N ILE C 91 46.22 6.63 -18.26
CA ILE C 91 45.50 7.42 -19.26
C ILE C 91 44.50 6.52 -19.98
N VAL C 92 44.92 5.29 -20.23
CA VAL C 92 44.08 4.28 -20.88
C VAL C 92 43.05 3.67 -19.92
N PHE C 93 43.42 3.58 -18.65
CA PHE C 93 42.56 2.96 -17.62
C PHE C 93 41.15 3.58 -17.51
N PRO C 94 41.07 4.92 -17.31
CA PRO C 94 39.73 5.52 -17.29
C PRO C 94 39.02 5.39 -18.63
N LEU C 95 39.77 5.46 -19.73
CA LEU C 95 39.21 5.34 -21.06
C LEU C 95 38.59 3.95 -21.26
N MET C 96 39.35 2.91 -20.91
CA MET C 96 38.91 1.53 -21.09
C MET C 96 37.70 1.19 -20.23
N TYR C 97 37.72 1.64 -18.97
CA TYR C 97 36.57 1.48 -18.10
C TYR C 97 35.33 2.11 -18.73
N HIS C 98 35.37 3.41 -18.94
CA HIS C 98 34.27 4.17 -19.53
C HIS C 98 33.84 3.55 -20.87
N THR C 99 34.80 3.02 -21.62
CA THR C 99 34.49 2.32 -22.87
C THR C 99 33.67 1.08 -22.59
N TRP C 100 34.22 0.17 -21.79
CA TRP C 100 33.54 -1.08 -21.49
C TRP C 100 32.19 -0.87 -20.81
N ASN C 101 32.16 -0.04 -19.77
CA ASN C 101 30.92 0.25 -19.07
C ASN C 101 29.91 0.93 -19.97
N GLY C 102 30.42 1.74 -20.91
CA GLY C 102 29.59 2.35 -21.95
C GLY C 102 28.77 1.32 -22.73
N ILE C 103 29.43 0.25 -23.18
CA ILE C 103 28.75 -0.86 -23.85
C ILE C 103 27.65 -1.43 -22.94
N ARG C 104 27.94 -1.55 -21.65
CA ARG C 104 26.97 -2.04 -20.68
C ARG C 104 25.76 -1.11 -20.63
N HIS C 105 26.01 0.19 -20.53
CA HIS C 105 24.92 1.17 -20.58
C HIS C 105 24.13 1.04 -21.87
N LEU C 106 24.84 0.84 -22.97
CA LEU C 106 24.23 0.71 -24.29
C LEU C 106 23.35 -0.52 -24.40
N ILE C 107 23.84 -1.65 -23.89
CA ILE C 107 23.07 -2.90 -23.87
C ILE C 107 21.80 -2.68 -23.05
N TRP C 108 21.94 -2.00 -21.91
CA TRP C 108 20.81 -1.67 -21.05
C TRP C 108 19.72 -0.91 -21.82
N ASP C 109 20.13 0.08 -22.60
CA ASP C 109 19.19 0.93 -23.34
C ASP C 109 18.33 0.11 -24.30
N LEU C 110 18.89 -1.00 -24.78
CA LEU C 110 18.15 -2.00 -25.56
C LEU C 110 17.15 -2.74 -24.69
N GLY C 111 17.39 -2.74 -23.38
CA GLY C 111 16.46 -3.34 -22.41
C GLY C 111 16.94 -4.67 -21.88
N LYS C 112 18.21 -4.97 -22.13
CA LYS C 112 18.75 -6.28 -21.79
C LYS C 112 19.59 -6.23 -20.51
N GLY C 113 19.63 -7.38 -19.82
CA GLY C 113 20.52 -7.58 -18.67
C GLY C 113 20.24 -6.71 -17.46
N LEU C 114 18.97 -6.39 -17.25
CA LEU C 114 18.57 -5.50 -16.18
C LEU C 114 17.91 -6.26 -15.01
N THR C 115 18.51 -7.34 -14.55
CA THR C 115 18.00 -8.05 -13.37
C THR C 115 19.14 -8.21 -12.38
N ILE C 116 18.88 -7.91 -11.12
CA ILE C 116 19.94 -7.79 -10.11
C ILE C 116 21.17 -8.73 -10.31
N PRO C 117 20.96 -10.06 -10.43
CA PRO C 117 22.10 -10.92 -10.73
C PRO C 117 22.87 -10.47 -11.98
N GLN C 118 22.20 -10.46 -13.13
CA GLN C 118 22.80 -10.06 -14.42
C GLN C 118 23.65 -8.80 -14.33
N LEU C 119 23.22 -7.88 -13.47
CA LEU C 119 23.78 -6.56 -13.31
C LEU C 119 25.10 -6.59 -12.54
N THR C 120 25.17 -7.45 -11.53
CA THR C 120 26.38 -7.60 -10.72
C THR C 120 27.35 -8.58 -11.39
N GLN C 121 26.88 -9.27 -12.45
CA GLN C 121 27.72 -10.13 -13.27
C GLN C 121 28.44 -9.31 -14.35
N SER C 122 27.65 -8.61 -15.16
CA SER C 122 28.19 -7.77 -16.23
C SER C 122 29.11 -6.68 -15.67
N GLY C 123 28.80 -6.21 -14.46
CA GLY C 123 29.66 -5.28 -13.73
C GLY C 123 31.07 -5.79 -13.52
N VAL C 124 31.19 -7.04 -13.08
CA VAL C 124 32.47 -7.74 -12.94
C VAL C 124 33.14 -7.93 -14.30
N VAL C 125 32.35 -8.34 -15.29
CA VAL C 125 32.87 -8.52 -16.66
C VAL C 125 33.44 -7.20 -17.22
N VAL C 126 32.76 -6.09 -16.96
CA VAL C 126 33.30 -4.78 -17.34
C VAL C 126 34.56 -4.46 -16.52
N LEU C 127 34.53 -4.75 -15.22
CA LEU C 127 35.68 -4.48 -14.37
C LEU C 127 36.92 -5.28 -14.82
N ILE C 128 36.77 -6.60 -14.95
CA ILE C 128 37.85 -7.48 -15.42
C ILE C 128 38.35 -7.04 -16.79
N LEU C 129 37.43 -6.80 -17.72
CA LEU C 129 37.78 -6.37 -19.08
C LEU C 129 38.61 -5.10 -19.11
N THR C 130 38.30 -4.15 -18.22
CA THR C 130 39.09 -2.93 -18.10
C THR C 130 40.55 -3.29 -17.82
N VAL C 131 40.79 -4.04 -16.76
CA VAL C 131 42.16 -4.38 -16.34
C VAL C 131 42.96 -5.03 -17.49
N LEU C 132 42.35 -6.01 -18.17
CA LEU C 132 42.99 -6.71 -19.28
C LEU C 132 43.34 -5.78 -20.45
N SER C 133 42.35 -5.06 -20.94
CA SER C 133 42.54 -4.14 -22.06
C SER C 133 43.37 -2.90 -21.70
N SER C 134 43.46 -2.60 -20.40
CA SER C 134 44.32 -1.52 -19.91
C SER C 134 45.79 -1.92 -19.87
N VAL C 135 46.07 -3.06 -19.23
CA VAL C 135 47.42 -3.63 -19.20
C VAL C 135 47.87 -3.96 -20.63
N GLY C 136 46.97 -4.54 -21.41
CA GLY C 136 47.24 -4.91 -22.80
C GLY C 136 47.62 -3.75 -23.71
N LEU C 137 46.94 -2.62 -23.55
CA LEU C 137 47.21 -1.43 -24.38
C LEU C 137 48.46 -0.69 -23.97
N ALA C 138 48.65 -0.49 -22.66
CA ALA C 138 49.84 0.20 -22.15
C ALA C 138 51.14 -0.54 -22.51
N ALA C 139 51.02 -1.79 -22.94
CA ALA C 139 52.15 -2.62 -23.37
C ALA C 139 52.27 -2.76 -24.90
N MET C 140 51.31 -2.22 -25.64
CA MET C 140 51.36 -2.18 -27.11
C MET C 140 52.35 -1.13 -27.59
N SER D 2 2.62 19.22 -29.23
CA SER D 2 3.78 18.48 -28.65
C SER D 2 4.83 18.10 -29.71
N SER D 3 6.08 18.49 -29.45
CA SER D 3 7.23 18.06 -30.24
C SER D 3 7.98 16.99 -29.44
N LYS D 4 8.52 15.98 -30.12
CA LYS D 4 9.23 14.90 -29.43
C LYS D 4 10.75 15.15 -29.32
N ALA D 5 11.10 16.33 -28.82
CA ALA D 5 12.48 16.82 -28.74
C ALA D 5 13.35 16.02 -27.80
N ALA D 6 13.00 16.05 -26.51
CA ALA D 6 13.73 15.32 -25.46
C ALA D 6 14.12 13.90 -25.87
N SER D 7 13.15 13.14 -26.38
CA SER D 7 13.39 11.76 -26.83
C SER D 7 14.33 11.68 -28.04
N LEU D 8 14.13 12.59 -29.00
CA LEU D 8 15.00 12.66 -30.18
C LEU D 8 16.45 12.94 -29.79
N HIS D 9 16.63 13.88 -28.86
CA HIS D 9 17.94 14.17 -28.30
C HIS D 9 18.53 12.86 -27.77
N TRP D 10 17.82 12.22 -26.85
CA TRP D 10 18.23 10.95 -26.24
C TRP D 10 18.64 9.92 -27.28
N THR D 11 17.91 9.85 -28.39
CA THR D 11 18.25 8.93 -29.49
C THR D 11 19.61 9.28 -30.08
N GLY D 12 19.81 10.56 -30.41
CA GLY D 12 21.07 11.04 -30.95
C GLY D 12 22.24 10.63 -30.08
N GLU D 13 22.08 10.82 -28.78
CA GLU D 13 23.09 10.48 -27.79
C GLU D 13 23.66 9.07 -27.96
N ARG D 14 22.76 8.11 -28.19
CA ARG D 14 23.13 6.70 -28.38
C ARG D 14 23.70 6.44 -29.78
N VAL D 15 23.16 7.14 -30.79
CA VAL D 15 23.69 7.08 -32.16
C VAL D 15 25.16 7.48 -32.17
N VAL D 16 25.49 8.60 -31.53
CA VAL D 16 26.89 9.04 -31.40
C VAL D 16 27.74 8.12 -30.50
N SER D 17 27.10 7.55 -29.48
CA SER D 17 27.75 6.57 -28.61
C SER D 17 28.16 5.35 -29.40
N VAL D 18 27.26 4.84 -30.25
CA VAL D 18 27.59 3.69 -31.11
C VAL D 18 28.50 4.10 -32.27
N LEU D 19 28.42 5.38 -32.63
CA LEU D 19 29.30 5.93 -33.66
C LEU D 19 30.72 6.05 -33.13
N LEU D 20 30.87 6.53 -31.90
CA LEU D 20 32.19 6.67 -31.28
C LEU D 20 32.84 5.31 -30.98
N LEU D 21 32.03 4.31 -30.63
CA LEU D 21 32.53 2.96 -30.44
C LEU D 21 33.03 2.39 -31.76
N GLY D 22 32.35 2.74 -32.85
CA GLY D 22 32.75 2.27 -34.17
C GLY D 22 34.02 2.90 -34.69
N LEU D 23 34.48 3.96 -34.03
CA LEU D 23 35.60 4.76 -34.52
C LEU D 23 36.95 4.46 -33.89
N LEU D 24 36.96 4.03 -32.63
CA LEU D 24 38.21 3.68 -31.96
C LEU D 24 38.91 2.45 -32.56
N PRO D 25 38.13 1.44 -33.04
CA PRO D 25 38.82 0.42 -33.81
C PRO D 25 39.08 0.86 -35.24
N ALA D 26 38.21 1.72 -35.78
CA ALA D 26 38.36 2.23 -37.15
C ALA D 26 39.59 3.14 -37.27
N ALA D 27 39.91 3.83 -36.18
CA ALA D 27 41.09 4.70 -36.11
C ALA D 27 42.37 3.89 -36.14
N TYR D 28 42.43 2.85 -35.32
CA TYR D 28 43.59 1.98 -35.22
C TYR D 28 43.81 1.21 -36.51
N LEU D 29 42.73 0.61 -37.03
CA LEU D 29 42.82 -0.20 -38.24
C LEU D 29 42.95 0.62 -39.53
N ASN D 30 42.66 1.92 -39.44
CA ASN D 30 42.75 2.81 -40.60
C ASN D 30 43.00 4.27 -40.18
N PRO D 31 44.26 4.58 -39.80
CA PRO D 31 44.60 5.96 -39.42
C PRO D 31 44.80 6.84 -40.66
N CYS D 32 44.02 7.92 -40.76
CA CYS D 32 44.10 8.79 -41.93
C CYS D 32 43.56 10.20 -41.69
N SER D 33 43.64 11.01 -42.76
CA SER D 33 43.15 12.39 -42.80
C SER D 33 41.69 12.48 -42.33
N ALA D 34 40.80 11.77 -43.02
CA ALA D 34 39.36 11.82 -42.76
C ALA D 34 38.98 11.32 -41.37
N MET D 35 39.50 10.14 -41.01
CA MET D 35 39.30 9.53 -39.70
C MET D 35 39.59 10.51 -38.57
N ASP D 36 40.67 11.28 -38.72
CA ASP D 36 41.06 12.28 -37.73
C ASP D 36 39.95 13.30 -37.46
N TYR D 37 39.27 13.73 -38.51
CA TYR D 37 38.17 14.69 -38.37
C TYR D 37 36.91 14.07 -37.77
N SER D 38 36.42 12.98 -38.38
CA SER D 38 35.24 12.28 -37.86
C SER D 38 35.41 11.86 -36.40
N LEU D 39 36.64 11.50 -36.01
CA LEU D 39 36.99 11.20 -34.63
C LEU D 39 36.88 12.43 -33.73
N ALA D 40 37.36 13.57 -34.22
CA ALA D 40 37.26 14.83 -33.51
C ALA D 40 35.80 15.27 -33.37
N ALA D 41 35.02 15.10 -34.43
CA ALA D 41 33.61 15.46 -34.43
C ALA D 41 32.80 14.64 -33.43
N ALA D 42 32.96 13.31 -33.49
CA ALA D 42 32.25 12.39 -32.61
C ALA D 42 32.67 12.59 -31.16
N LEU D 43 33.95 12.88 -30.96
CA LEU D 43 34.53 13.09 -29.64
C LEU D 43 33.97 14.33 -28.94
N THR D 44 33.87 15.43 -29.68
CA THR D 44 33.49 16.72 -29.11
C THR D 44 31.98 16.83 -28.83
N LEU D 45 31.16 16.28 -29.72
CA LEU D 45 29.71 16.18 -29.48
C LEU D 45 29.37 15.32 -28.27
N HIS D 46 29.78 14.04 -28.31
CA HIS D 46 29.44 13.07 -27.26
C HIS D 46 29.83 13.57 -25.87
N GLY D 47 30.94 14.29 -25.81
CA GLY D 47 31.39 14.91 -24.57
C GLY D 47 30.54 16.10 -24.19
N HIS D 48 30.21 16.91 -25.19
CA HIS D 48 29.37 18.09 -24.98
C HIS D 48 28.01 17.71 -24.40
N TRP D 49 27.39 16.67 -24.95
CA TRP D 49 26.09 16.23 -24.44
C TRP D 49 26.22 15.60 -23.06
N GLY D 50 27.26 14.78 -22.89
CA GLY D 50 27.56 14.17 -21.61
C GLY D 50 27.71 15.13 -20.45
N ILE D 51 28.60 16.10 -20.60
CA ILE D 51 28.76 17.15 -19.58
C ILE D 51 27.41 17.87 -19.39
N GLY D 52 26.75 18.19 -20.51
CA GLY D 52 25.40 18.77 -20.48
C GLY D 52 24.48 18.03 -19.53
N GLN D 53 24.53 16.69 -19.60
CA GLN D 53 23.72 15.82 -18.74
C GLN D 53 24.12 15.89 -17.28
N VAL D 54 25.42 16.07 -17.01
CA VAL D 54 25.90 16.27 -15.63
C VAL D 54 25.45 17.65 -15.12
N VAL D 55 25.65 18.69 -15.93
CA VAL D 55 25.24 20.05 -15.58
C VAL D 55 23.75 20.11 -15.27
N THR D 56 22.93 19.60 -16.19
CA THR D 56 21.49 19.70 -16.02
C THR D 56 21.01 18.72 -14.97
N ASP D 57 21.97 18.08 -14.30
CA ASP D 57 21.72 17.26 -13.11
C ASP D 57 22.10 17.99 -11.83
N TYR D 58 23.34 18.46 -11.75
CA TYR D 58 23.87 19.06 -10.53
C TYR D 58 23.70 20.57 -10.43
N VAL D 59 23.90 21.30 -11.53
CA VAL D 59 23.89 22.76 -11.48
C VAL D 59 22.48 23.31 -11.22
N ARG D 60 22.13 23.41 -9.93
CA ARG D 60 20.79 23.77 -9.49
C ARG D 60 20.55 25.28 -9.50
N GLY D 61 19.45 25.68 -10.12
CA GLY D 61 19.07 27.09 -10.19
C GLY D 61 18.62 27.52 -11.57
N ASP D 62 18.22 28.79 -11.66
CA ASP D 62 17.78 29.39 -12.92
C ASP D 62 18.97 30.00 -13.65
N ALA D 63 19.56 31.04 -13.05
CA ALA D 63 20.63 31.82 -13.65
C ALA D 63 21.86 30.98 -13.98
N LEU D 64 22.25 30.12 -13.05
CA LEU D 64 23.46 29.30 -13.17
C LEU D 64 23.34 28.22 -14.25
N GLN D 65 22.14 27.65 -14.37
CA GLN D 65 21.83 26.64 -15.37
C GLN D 65 22.08 27.16 -16.79
N LYS D 66 21.63 28.39 -17.05
CA LYS D 66 21.84 29.06 -18.33
C LYS D 66 23.32 29.42 -18.51
N ALA D 67 23.98 29.79 -17.41
CA ALA D 67 25.39 30.17 -17.41
C ALA D 67 26.28 29.00 -17.77
N ALA D 68 26.21 27.94 -16.97
CA ALA D 68 26.97 26.70 -17.18
C ALA D 68 26.82 26.20 -18.61
N LYS D 69 25.57 26.14 -19.09
CA LYS D 69 25.24 25.74 -20.46
C LYS D 69 25.90 26.60 -21.53
N ALA D 70 26.02 27.91 -21.25
CA ALA D 70 26.67 28.85 -22.17
C ALA D 70 28.18 28.64 -22.18
N GLY D 71 28.78 28.59 -21.00
CA GLY D 71 30.21 28.34 -20.84
C GLY D 71 30.65 26.97 -21.36
N LEU D 72 29.76 25.99 -21.29
CA LEU D 72 30.01 24.66 -21.86
C LEU D 72 30.01 24.70 -23.39
N LEU D 73 29.11 25.49 -23.99
CA LEU D 73 29.09 25.66 -25.44
C LEU D 73 30.37 26.31 -25.93
N ALA D 74 30.93 27.17 -25.08
CA ALA D 74 32.21 27.82 -25.35
C ALA D 74 33.36 26.81 -25.32
N LEU D 75 33.39 25.99 -24.27
CA LEU D 75 34.43 24.99 -24.12
C LEU D 75 34.40 24.01 -25.29
N SER D 76 33.18 23.64 -25.71
CA SER D 76 32.98 22.71 -26.83
C SER D 76 33.44 23.28 -28.16
N ALA D 77 32.93 24.46 -28.49
CA ALA D 77 33.31 25.17 -29.71
C ALA D 77 34.83 25.24 -29.80
N PHE D 78 35.46 25.69 -28.72
CA PHE D 78 36.92 25.80 -28.66
C PHE D 78 37.61 24.43 -28.74
N THR D 79 36.93 23.39 -28.25
CA THR D 79 37.50 22.04 -28.30
C THR D 79 37.47 21.47 -29.72
N PHE D 80 36.28 21.41 -30.32
CA PHE D 80 36.16 20.91 -31.70
C PHE D 80 37.05 21.67 -32.67
N ALA D 81 37.05 23.00 -32.58
CA ALA D 81 37.87 23.85 -33.45
C ALA D 81 39.36 23.62 -33.26
N GLY D 82 39.78 23.48 -32.00
CA GLY D 82 41.16 23.16 -31.66
C GLY D 82 41.63 21.85 -32.26
N LEU D 83 40.84 20.80 -32.06
CA LEU D 83 41.16 19.48 -32.63
C LEU D 83 41.20 19.50 -34.16
N CYS D 84 40.35 20.34 -34.76
CA CYS D 84 40.37 20.51 -36.21
C CYS D 84 41.64 21.22 -36.65
N TYR D 85 42.03 22.27 -35.92
CA TYR D 85 43.27 22.99 -36.19
C TYR D 85 44.46 22.04 -36.11
N PHE D 86 44.48 21.23 -35.04
CA PHE D 86 45.54 20.25 -34.83
C PHE D 86 45.64 19.22 -35.97
N ASN D 87 44.49 18.83 -36.51
CA ASN D 87 44.45 17.95 -37.69
C ASN D 87 45.04 18.58 -38.95
N TYR D 88 44.56 19.78 -39.26
CA TYR D 88 44.91 20.49 -40.48
C TYR D 88 46.35 21.01 -40.48
N HIS D 89 46.84 21.42 -39.30
CA HIS D 89 48.13 22.10 -39.20
C HIS D 89 49.23 21.32 -38.48
N ASP D 90 48.87 20.22 -37.84
CA ASP D 90 49.85 19.35 -37.22
C ASP D 90 49.67 17.93 -37.75
N VAL D 91 50.19 16.96 -37.01
CA VAL D 91 50.24 15.55 -37.42
C VAL D 91 48.87 14.90 -37.64
N GLY D 92 47.87 15.32 -36.85
CA GLY D 92 46.53 14.75 -36.94
C GLY D 92 46.34 13.66 -35.90
N ILE D 93 45.24 13.75 -35.15
CA ILE D 93 45.01 12.91 -33.95
C ILE D 93 45.62 11.50 -34.02
N CYS D 94 45.26 10.73 -35.03
CA CYS D 94 45.75 9.36 -35.19
C CYS D 94 47.27 9.27 -35.10
N LYS D 95 47.96 10.13 -35.85
CA LYS D 95 49.42 10.16 -35.89
C LYS D 95 50.02 10.65 -34.57
N ALA D 96 49.34 11.59 -33.93
CA ALA D 96 49.76 12.10 -32.62
C ALA D 96 49.74 10.99 -31.59
N VAL D 97 48.69 10.18 -31.63
CA VAL D 97 48.53 9.02 -30.76
C VAL D 97 49.68 8.02 -30.97
N ALA D 98 49.91 7.66 -32.22
CA ALA D 98 50.96 6.71 -32.59
C ALA D 98 52.35 7.18 -32.14
N MET D 99 52.60 8.48 -32.25
CA MET D 99 53.85 9.10 -31.81
C MET D 99 53.98 9.09 -30.29
N LEU D 100 52.97 9.66 -29.63
CA LEU D 100 52.89 9.69 -28.17
C LEU D 100 53.12 8.30 -27.57
N TRP D 101 52.72 7.27 -28.32
CA TRP D 101 52.69 5.90 -27.83
C TRP D 101 54.02 5.17 -27.94
N LYS D 102 54.52 4.99 -29.17
CA LYS D 102 55.82 4.34 -29.35
C LYS D 102 56.94 5.27 -28.85
N LEU D 103 57.06 5.32 -27.53
CA LEU D 103 57.85 6.32 -26.82
C LEU D 103 58.28 5.77 -25.47
PA FAD E . -10.77 -0.28 5.74
O1A FAD E . -10.47 -0.80 4.36
O2A FAD E . -10.11 -0.94 6.93
O5B FAD E . -10.38 1.28 5.75
C5B FAD E . -10.35 2.08 6.94
C4B FAD E . -10.25 3.54 6.53
O4B FAD E . -10.80 4.42 7.51
C3B FAD E . -8.81 3.99 6.34
O3B FAD E . -8.76 4.81 5.16
C2B FAD E . -8.48 4.81 7.57
O2B FAD E . -7.54 5.85 7.26
C1B FAD E . -9.83 5.37 7.96
N9A FAD E . -9.97 5.62 9.43
C8A FAD E . -10.06 4.70 10.40
N7A FAD E . -10.17 5.34 11.59
C5A FAD E . -10.15 6.67 11.35
C6A FAD E . -10.22 7.81 12.15
N6A FAD E . -10.34 7.70 13.49
N1A FAD E . -10.17 9.04 11.59
C2A FAD E . -10.04 9.17 10.26
N3A FAD E . -9.97 8.09 9.46
C4A FAD E . -10.02 6.84 9.98
N1 FAD E . -12.66 -9.54 2.12
C2 FAD E . -12.84 -10.14 0.93
O2 FAD E . -13.96 -10.04 0.37
N3 FAD E . -11.84 -10.81 0.33
C4 FAD E . -10.64 -10.90 0.94
O4 FAD E . -9.71 -11.53 0.38
C4X FAD E . -10.42 -10.30 2.19
N5 FAD E . -9.23 -10.38 2.81
C5X FAD E . -9.05 -9.78 4.01
C6 FAD E . -7.82 -9.85 4.66
C7 FAD E . -7.62 -9.25 5.90
C7M FAD E . -6.28 -9.36 6.58
C8 FAD E . -8.69 -8.56 6.49
C8M FAD E . -8.58 -7.89 7.83
C9 FAD E . -9.92 -8.48 5.84
C9A FAD E . -10.11 -9.09 4.60
N10 FAD E . -11.30 -9.02 3.97
C10 FAD E . -11.47 -9.61 2.78
C1' FAD E . -12.41 -8.26 4.60
C2' FAD E . -12.45 -6.87 3.94
O2' FAD E . -11.21 -6.63 3.24
C3' FAD E . -12.70 -5.72 4.90
O3' FAD E . -14.02 -5.80 5.45
C4' FAD E . -12.53 -4.37 4.21
O4' FAD E . -11.14 -4.19 3.87
C5' FAD E . -12.96 -3.17 5.06
O5' FAD E . -12.96 -2.02 4.23
P FAD E . -13.41 -0.58 4.76
O1P FAD E . -13.15 0.47 3.70
O2P FAD E . -14.80 -0.71 5.35
O3P FAD E . -12.37 -0.28 5.96
FE1 FES F . 5.05 -2.51 6.91
FE2 FES F . 2.20 -2.50 5.91
S1 FES F . 3.16 -1.79 7.76
S2 FES F . 4.14 -2.68 4.92
FE1 F3S G . 16.87 5.33 -12.87
FE3 F3S G . 16.59 3.57 -10.71
FE4 F3S G . 17.53 5.59 -10.53
S1 F3S G . 17.41 3.20 -12.71
S2 F3S G . 18.21 6.92 -12.11
S3 F3S G . 15.44 5.39 -11.20
S4 F3S G . 17.54 4.24 -8.81
FE1 SF4 H . 6.56 0.13 -5.41
FE2 SF4 H . 8.76 -1.51 -5.35
FE3 SF4 H . 8.97 1.15 -5.82
FE4 SF4 H . 8.28 0.27 -3.29
S1 SF4 H . 10.27 -0.09 -4.36
S2 SF4 H . 7.37 2.04 -4.44
S3 SF4 H . 6.99 -1.52 -3.88
S4 SF4 H . 7.94 -0.40 -7.18
CHA HEM I . 28.41 9.06 -20.82
CHB HEM I . 29.29 5.61 -24.06
CHC HEM I . 33.75 7.40 -24.73
CHD HEM I . 32.57 11.30 -22.10
C1A HEM I . 28.23 8.01 -21.67
C2A HEM I . 26.98 7.30 -21.92
C3A HEM I . 27.23 6.34 -22.82
C4A HEM I . 28.64 6.42 -23.16
CMA HEM I . 26.23 5.33 -23.43
CAA HEM I . 25.61 7.63 -21.25
CBA HEM I . 25.10 6.51 -20.34
CGA HEM I . 24.34 7.10 -19.18
O1A HEM I . 25.00 7.51 -18.18
O2A HEM I . 23.09 7.15 -19.26
C1B HEM I . 30.59 5.76 -24.49
C2B HEM I . 31.30 4.84 -25.35
C3B HEM I . 32.53 5.34 -25.53
C4B HEM I . 32.64 6.58 -24.79
CMB HEM I . 30.75 3.53 -25.94
CAB HEM I . 33.64 4.70 -26.38
CBB HEM I . 33.55 4.80 -27.71
C1C HEM I . 33.79 8.66 -24.18
C2C HEM I . 34.82 9.66 -24.39
C3C HEM I . 34.49 10.74 -23.66
C4C HEM I . 33.25 10.45 -22.96
CMC HEM I . 36.06 9.50 -25.30
CAC HEM I . 35.30 12.07 -23.58
CBC HEM I . 35.19 12.99 -24.55
C1D HEM I . 31.34 11.09 -21.50
C2D HEM I . 30.67 12.00 -20.61
C3D HEM I . 29.37 11.29 -20.21
C4D HEM I . 29.40 10.03 -20.90
CMD HEM I . 31.15 13.40 -20.15
CAD HEM I . 28.26 11.81 -19.27
CBD HEM I . 28.55 11.47 -17.81
CGD HEM I . 27.25 11.16 -17.10
O1D HEM I . 26.38 12.06 -16.99
O2D HEM I . 27.10 10.00 -16.65
NA HEM I . 29.21 7.44 -22.44
NB HEM I . 31.43 6.81 -24.17
NC HEM I . 32.85 9.17 -23.30
ND HEM I . 30.56 9.94 -21.65
FE HEM I . 31.01 8.38 -22.95
O5 AT5 J . 26.15 7.81 -6.64
C7 AT5 J . 25.75 8.90 -6.98
C8 AT5 J . 25.56 9.95 -5.92
C11 AT5 J . 26.82 10.67 -5.42
C12 AT5 J . 28.18 10.35 -6.03
C17 AT5 J . 29.27 10.53 -4.98
C13 AT5 J . 28.42 11.24 -7.25
CL12 AT5 J . 28.31 12.95 -6.76
C14 AT5 J . 29.76 10.99 -7.93
CL16 AT5 J . 29.50 10.71 -9.67
C10 AT5 J . 24.84 9.32 -4.73
C6 AT5 J . 25.39 9.16 -8.44
C5 AT5 J . 25.48 8.03 -9.42
N4 AT5 J . 25.17 8.20 -10.73
C3 AT5 J . 24.75 9.38 -11.25
C2 AT5 J . 24.61 10.57 -10.38
C1 AT5 J . 24.93 10.48 -8.93
O1 AT5 J . 24.79 11.58 -8.13
O2 AT5 J . 24.16 11.75 -10.92
CM2 AT5 J . 22.76 11.95 -11.01
O3 AT5 J . 24.44 9.49 -12.58
CM3 AT5 J . 25.01 8.62 -13.55
O4 AT5 J . 25.90 6.80 -9.03
#